data_3FGN
#
_entry.id   3FGN
#
_cell.length_a   55.383
_cell.length_b   104.684
_cell.length_c   151.392
_cell.angle_alpha   90.00
_cell.angle_beta   90.00
_cell.angle_gamma   90.00
#
_symmetry.space_group_name_H-M   'P 21 21 21'
#
loop_
_entity.id
_entity.type
_entity.pdbx_description
1 polymer 'Dethiobiotin synthetase'
2 water water
#
_entity_poly.entity_id   1
_entity_poly.type   'polypeptide(L)'
_entity_poly.pdbx_seq_one_letter_code
;MGSSHHHHHHSSGLQGTENLYFQSHMTILVVTGTGTGVGKTVVCAALASAARQAGIDVAVCKPVQTGTARGDDDLAEVGR
LAGVTQLAGLARYPQPMAPAAAAEHAGMALPARDQIVRLIADLDRPGRLTLVEGAGGLLVELAEPGVTLRDVAVDVAAAA
LVVVTADLGTLNHTKLTLEALAAQQVSCAGLVIGSWPDPPGLVAASNRSALARIAMVRAALPAGAASLDAGDFAAMSAAA
FDRNWVAGLVG
;
_entity_poly.pdbx_strand_id   A,B,C,D
#
# COMPACT_ATOMS: atom_id res chain seq x y z
N PHE A 22 23.96 8.74 2.73
CA PHE A 22 24.09 7.90 3.97
C PHE A 22 22.92 8.12 4.95
N GLN A 23 22.37 6.98 5.42
CA GLN A 23 21.34 6.94 6.48
C GLN A 23 22.06 7.15 7.78
N SER A 24 21.66 8.15 8.56
CA SER A 24 22.30 8.38 9.87
C SER A 24 21.65 7.60 11.02
N HIS A 25 20.67 6.75 10.69
CA HIS A 25 20.07 5.85 11.66
C HIS A 25 19.86 4.50 11.01
N MET A 26 19.34 3.56 11.79
CA MET A 26 19.12 2.21 11.30
C MET A 26 17.80 2.06 10.56
N THR A 27 17.73 0.98 9.79
CA THR A 27 16.47 0.52 9.24
C THR A 27 15.92 -0.55 10.19
N ILE A 28 14.66 -0.40 10.55
CA ILE A 28 14.05 -1.39 11.43
C ILE A 28 12.95 -2.17 10.73
N LEU A 29 13.05 -3.50 10.79
CA LEU A 29 11.95 -4.35 10.31
C LEU A 29 11.48 -5.22 11.44
N VAL A 30 10.17 -5.22 11.67
CA VAL A 30 9.57 -6.22 12.54
C VAL A 30 9.28 -7.44 11.68
N VAL A 31 9.52 -8.63 12.23
CA VAL A 31 9.33 -9.84 11.47
C VAL A 31 8.26 -10.63 12.20
N THR A 32 7.11 -10.77 11.54
CA THR A 32 5.93 -11.39 12.12
C THR A 32 5.46 -12.59 11.28
N GLY A 33 4.76 -13.52 11.89
CA GLY A 33 4.24 -14.67 11.16
C GLY A 33 2.74 -14.59 11.06
N THR A 34 2.17 -15.28 10.07
CA THR A 34 0.72 -15.33 9.90
C THR A 34 0.07 -16.35 10.84
N GLY A 35 0.90 -17.13 11.52
CA GLY A 35 0.44 -18.16 12.42
C GLY A 35 1.60 -18.86 13.07
N THR A 36 1.29 -19.91 13.82
CA THR A 36 2.29 -20.69 14.54
C THR A 36 3.16 -21.48 13.56
N GLY A 37 4.47 -21.47 13.82
CA GLY A 37 5.40 -22.32 13.11
C GLY A 37 5.43 -22.15 11.60
N VAL A 38 5.44 -20.91 11.14
CA VAL A 38 5.57 -20.61 9.70
C VAL A 38 7.04 -20.39 9.33
N GLY A 39 7.91 -20.44 10.35
CA GLY A 39 9.35 -20.30 10.18
C GLY A 39 9.95 -18.90 10.30
N LYS A 40 9.41 -18.08 11.20
CA LYS A 40 9.92 -16.72 11.44
C LYS A 40 11.40 -16.68 11.76
N THR A 41 11.86 -17.62 12.58
CA THR A 41 13.23 -17.56 13.06
C THR A 41 14.21 -17.82 11.92
N VAL A 42 13.94 -18.84 11.11
CA VAL A 42 14.82 -19.18 9.98
C VAL A 42 14.79 -18.05 8.96
N VAL A 43 13.66 -17.33 8.86
CA VAL A 43 13.56 -16.18 7.96
C VAL A 43 14.44 -15.01 8.43
N CYS A 44 14.36 -14.69 9.72
CA CYS A 44 15.25 -13.70 10.34
C CYS A 44 16.71 -14.03 10.06
N ALA A 45 17.08 -15.29 10.27
CA ALA A 45 18.44 -15.75 10.05
C ALA A 45 18.86 -15.63 8.57
N ALA A 46 17.97 -16.09 7.68
CA ALA A 46 18.22 -15.99 6.24
C ALA A 46 18.37 -14.53 5.79
N LEU A 47 17.45 -13.65 6.19
CA LEU A 47 17.61 -12.21 5.87
C LEU A 47 18.92 -11.62 6.45
N ALA A 48 19.21 -11.99 7.69
CA ALA A 48 20.37 -11.48 8.40
C ALA A 48 21.62 -11.86 7.63
N SER A 49 21.69 -13.15 7.25
CA SER A 49 22.82 -13.71 6.50
C SER A 49 22.98 -13.05 5.13
N ALA A 50 21.87 -12.81 4.45
CA ALA A 50 21.89 -12.16 3.15
C ALA A 50 22.37 -10.71 3.27
N ALA A 51 21.85 -9.99 4.26
CA ALA A 51 22.24 -8.60 4.50
C ALA A 51 23.71 -8.49 4.91
N ARG A 52 24.18 -9.41 5.75
CA ARG A 52 25.59 -9.44 6.14
C ARG A 52 26.50 -9.67 4.96
N GLN A 53 26.08 -10.55 4.04
CA GLN A 53 26.90 -10.84 2.85
C GLN A 53 26.91 -9.68 1.87
N ALA A 54 25.92 -8.79 2.00
CA ALA A 54 25.90 -7.52 1.27
C ALA A 54 26.67 -6.39 1.96
N GLY A 55 27.36 -6.68 3.07
CA GLY A 55 28.15 -5.67 3.79
C GLY A 55 27.36 -4.81 4.78
N ILE A 56 26.13 -5.22 5.06
CA ILE A 56 25.27 -4.54 6.03
C ILE A 56 25.41 -5.15 7.41
N ASP A 57 25.60 -4.29 8.41
CA ASP A 57 25.59 -4.70 9.80
C ASP A 57 24.16 -5.01 10.29
N VAL A 58 23.98 -6.21 10.86
CA VAL A 58 22.66 -6.67 11.26
C VAL A 58 22.58 -6.92 12.77
N ALA A 59 21.57 -6.32 13.39
CA ALA A 59 21.17 -6.73 14.72
C ALA A 59 19.82 -7.46 14.68
N VAL A 60 19.67 -8.45 15.56
CA VAL A 60 18.40 -9.13 15.69
C VAL A 60 17.92 -9.03 17.14
N CYS A 61 16.67 -8.65 17.28
CA CYS A 61 16.09 -8.37 18.57
C CYS A 61 14.85 -9.24 18.81
N LYS A 62 14.74 -9.82 20.00
CA LYS A 62 13.61 -10.66 20.34
C LYS A 62 13.08 -10.24 21.72
N PRO A 63 12.14 -9.27 21.73
CA PRO A 63 11.69 -8.64 22.98
C PRO A 63 11.12 -9.65 23.99
N VAL A 64 10.36 -10.62 23.48
CA VAL A 64 9.67 -11.61 24.30
C VAL A 64 9.93 -13.00 23.75
N GLN A 65 10.57 -13.84 24.58
CA GLN A 65 10.85 -15.23 24.25
C GLN A 65 10.14 -16.13 25.26
N THR A 66 9.16 -16.89 24.80
CA THR A 66 8.53 -17.92 25.66
C THR A 66 9.13 -19.31 25.36
N GLY A 67 8.77 -20.30 26.15
CA GLY A 67 9.22 -21.67 25.93
C GLY A 67 10.68 -21.94 26.26
N THR A 68 11.29 -21.08 27.06
CA THR A 68 12.71 -21.25 27.44
C THR A 68 12.95 -22.54 28.23
N ALA A 69 11.96 -22.99 29.00
CA ALA A 69 12.10 -24.23 29.75
C ALA A 69 12.08 -25.46 28.84
N ARG A 70 11.64 -25.27 27.60
CA ARG A 70 11.67 -26.36 26.63
C ARG A 70 12.82 -26.20 25.62
N GLY A 71 13.72 -25.27 25.92
CA GLY A 71 14.89 -25.03 25.09
C GLY A 71 14.72 -23.98 24.01
N ASP A 72 13.52 -23.40 23.88
CA ASP A 72 13.27 -22.38 22.86
C ASP A 72 14.17 -21.16 23.07
N ASP A 73 14.94 -20.82 22.04
CA ASP A 73 15.74 -19.60 22.09
C ASP A 73 16.01 -19.19 20.65
N ASP A 74 15.19 -18.28 20.14
CA ASP A 74 15.28 -17.89 18.73
C ASP A 74 16.56 -17.13 18.41
N LEU A 75 16.97 -16.25 19.32
CA LEU A 75 18.22 -15.52 19.23
C LEU A 75 19.42 -16.46 19.10
N ALA A 76 19.46 -17.47 19.96
CA ALA A 76 20.53 -18.46 19.92
C ALA A 76 20.52 -19.15 18.55
N GLU A 77 19.32 -19.49 18.07
CA GLU A 77 19.17 -20.13 16.75
C GLU A 77 19.67 -19.26 15.60
N VAL A 78 19.33 -17.97 15.64
CA VAL A 78 19.79 -17.02 14.61
C VAL A 78 21.32 -16.91 14.60
N GLY A 79 21.92 -16.86 15.77
CA GLY A 79 23.38 -16.75 15.88
C GLY A 79 24.01 -17.99 15.29
N ARG A 80 23.45 -19.15 15.63
CA ARG A 80 23.90 -20.43 15.06
C ARG A 80 23.89 -20.43 13.54
N LEU A 81 22.76 -20.03 12.97
CA LEU A 81 22.52 -20.20 11.55
C LEU A 81 23.23 -19.14 10.73
N ALA A 82 23.19 -17.90 11.20
CA ALA A 82 23.68 -16.79 10.38
C ALA A 82 25.01 -16.19 10.86
N GLY A 83 25.43 -16.56 12.07
CA GLY A 83 26.66 -16.03 12.65
C GLY A 83 26.47 -14.63 13.20
N VAL A 84 25.22 -14.22 13.38
CA VAL A 84 24.90 -12.89 13.93
C VAL A 84 25.33 -12.82 15.40
N THR A 85 26.06 -11.75 15.74
CA THR A 85 26.60 -11.54 17.08
C THR A 85 25.77 -10.51 17.85
N GLN A 86 25.13 -9.58 17.14
CA GLN A 86 24.34 -8.55 17.82
C GLN A 86 22.89 -9.04 18.09
N LEU A 87 22.72 -9.71 19.23
CA LEU A 87 21.49 -10.39 19.58
C LEU A 87 20.91 -9.82 20.86
N ALA A 88 19.73 -9.21 20.77
CA ALA A 88 19.19 -8.44 21.88
C ALA A 88 17.88 -9.06 22.41
N GLY A 89 17.93 -9.53 23.65
CA GLY A 89 16.73 -10.07 24.28
C GLY A 89 16.33 -9.22 25.45
N LEU A 90 15.23 -9.61 26.07
CA LEU A 90 14.66 -8.85 27.16
C LEU A 90 13.89 -9.80 28.09
N ALA A 91 12.65 -10.16 27.73
CA ALA A 91 11.86 -11.01 28.61
C ALA A 91 11.96 -12.48 28.18
N ARG A 92 12.21 -13.37 29.15
CA ARG A 92 12.22 -14.82 28.89
C ARG A 92 11.28 -15.55 29.87
N TYR A 93 10.34 -16.32 29.32
CA TYR A 93 9.35 -17.08 30.10
C TYR A 93 9.48 -18.58 29.79
N PRO A 94 9.50 -19.42 30.84
CA PRO A 94 9.76 -20.84 30.73
C PRO A 94 8.75 -21.64 29.88
N GLN A 95 7.45 -21.38 30.09
CA GLN A 95 6.38 -22.16 29.43
C GLN A 95 6.14 -21.79 27.95
N PRO A 96 5.95 -22.79 27.08
CA PRO A 96 5.67 -22.50 25.67
C PRO A 96 4.21 -22.18 25.40
N MET A 97 3.78 -21.00 25.85
CA MET A 97 2.45 -20.50 25.50
C MET A 97 2.50 -19.02 25.09
N ALA A 98 1.34 -18.41 24.89
CA ALA A 98 1.28 -16.97 24.67
C ALA A 98 2.01 -16.24 25.80
N PRO A 99 2.75 -15.18 25.46
CA PRO A 99 3.45 -14.35 26.47
C PRO A 99 2.63 -14.09 27.74
N ALA A 100 1.43 -13.55 27.59
CA ALA A 100 0.61 -13.20 28.75
C ALA A 100 0.38 -14.38 29.68
N ALA A 101 0.06 -15.54 29.08
CA ALA A 101 -0.15 -16.77 29.84
C ALA A 101 1.14 -17.32 30.43
N ALA A 102 2.22 -17.28 29.66
CA ALA A 102 3.53 -17.72 30.12
C ALA A 102 4.04 -16.87 31.28
N ALA A 103 3.83 -15.56 31.19
CA ALA A 103 4.23 -14.63 32.24
C ALA A 103 3.42 -14.89 33.52
N GLU A 104 2.11 -15.05 33.37
CA GLU A 104 1.23 -15.29 34.51
C GLU A 104 1.56 -16.63 35.18
N HIS A 105 1.78 -17.67 34.36
CA HIS A 105 2.20 -18.97 34.87
C HIS A 105 3.42 -18.88 35.76
N ALA A 106 4.35 -17.98 35.41
CA ALA A 106 5.63 -17.82 36.12
C ALA A 106 5.58 -16.79 37.25
N GLY A 107 4.40 -16.23 37.50
CA GLY A 107 4.28 -15.11 38.41
C GLY A 107 5.13 -13.93 37.99
N MET A 108 5.35 -13.78 36.69
CA MET A 108 6.15 -12.68 36.14
C MET A 108 5.28 -11.68 35.37
N ALA A 109 5.77 -10.45 35.24
CA ALA A 109 5.03 -9.45 34.48
C ALA A 109 5.47 -9.47 33.03
N LEU A 110 4.59 -9.02 32.13
CA LEU A 110 5.03 -8.69 30.77
C LEU A 110 5.87 -7.42 30.82
N PRO A 111 6.75 -7.20 29.82
CA PRO A 111 7.47 -5.94 29.84
C PRO A 111 6.54 -4.77 29.54
N ALA A 112 6.98 -3.54 29.85
CA ALA A 112 6.26 -2.35 29.44
C ALA A 112 6.60 -2.01 27.99
N ARG A 113 5.66 -1.35 27.32
CA ARG A 113 5.87 -0.85 25.96
C ARG A 113 7.23 -0.14 25.82
N ASP A 114 7.49 0.78 26.74
CA ASP A 114 8.72 1.56 26.80
C ASP A 114 9.99 0.74 26.83
N GLN A 115 9.99 -0.32 27.62
CA GLN A 115 11.13 -1.20 27.72
C GLN A 115 11.45 -1.82 26.35
N ILE A 116 10.39 -2.22 25.64
CA ILE A 116 10.56 -2.82 24.31
C ILE A 116 11.11 -1.80 23.31
N VAL A 117 10.53 -0.60 23.32
CA VAL A 117 10.99 0.47 22.43
C VAL A 117 12.44 0.86 22.78
N ARG A 118 12.78 0.86 24.06
CA ARG A 118 14.14 1.19 24.49
C ARG A 118 15.16 0.11 24.05
N LEU A 119 14.78 -1.15 24.17
CA LEU A 119 15.64 -2.25 23.76
C LEU A 119 16.05 -2.07 22.28
N ILE A 120 15.08 -1.67 21.46
CA ILE A 120 15.29 -1.48 20.02
C ILE A 120 16.10 -0.21 19.74
N ALA A 121 15.65 0.90 20.29
CA ALA A 121 16.32 2.17 20.07
C ALA A 121 17.79 2.18 20.49
N ASP A 122 18.15 1.39 21.51
CA ASP A 122 19.54 1.33 21.95
C ASP A 122 20.44 0.62 20.92
N LEU A 123 19.83 -0.01 19.92
CA LEU A 123 20.59 -0.71 18.90
C LEU A 123 20.95 0.19 17.71
N ASP A 124 20.44 1.42 17.75
CA ASP A 124 20.62 2.36 16.65
C ASP A 124 22.09 2.64 16.34
N ARG A 125 22.45 2.42 15.06
CA ARG A 125 23.75 2.76 14.47
C ARG A 125 23.42 3.19 13.06
N PRO A 126 24.22 4.10 12.47
CA PRO A 126 23.96 4.49 11.07
C PRO A 126 24.10 3.30 10.12
N GLY A 127 23.12 3.09 9.25
CA GLY A 127 23.16 2.02 8.24
C GLY A 127 23.06 0.59 8.75
N ARG A 128 22.67 0.44 10.00
CA ARG A 128 22.38 -0.88 10.54
C ARG A 128 21.00 -1.39 10.03
N LEU A 129 20.89 -2.69 9.85
CA LEU A 129 19.57 -3.33 9.71
C LEU A 129 19.19 -4.05 11.00
N THR A 130 18.12 -3.59 11.64
CA THR A 130 17.64 -4.27 12.83
C THR A 130 16.33 -5.06 12.58
N LEU A 131 16.37 -6.36 12.87
CA LEU A 131 15.21 -7.24 12.67
C LEU A 131 14.60 -7.50 14.06
N VAL A 132 13.35 -7.10 14.22
CA VAL A 132 12.64 -7.34 15.49
C VAL A 132 11.66 -8.51 15.33
N GLU A 133 12.01 -9.65 15.93
CA GLU A 133 11.24 -10.87 15.78
C GLU A 133 10.14 -10.94 16.85
N GLY A 134 8.89 -11.06 16.39
CA GLY A 134 7.74 -11.14 17.31
C GLY A 134 7.66 -12.46 18.03
N ALA A 135 6.60 -12.62 18.83
CA ALA A 135 6.31 -13.87 19.48
C ALA A 135 4.91 -14.45 19.13
N GLY A 136 4.75 -15.02 17.93
CA GLY A 136 3.55 -15.83 17.60
C GLY A 136 2.34 -15.24 16.89
N GLY A 137 2.57 -14.15 16.15
CA GLY A 137 1.51 -13.47 15.41
C GLY A 137 1.46 -11.97 15.75
N LEU A 138 0.96 -11.18 14.80
CA LEU A 138 1.02 -9.72 14.87
C LEU A 138 0.34 -9.14 16.13
N LEU A 139 -0.83 -9.68 16.42
CA LEU A 139 -1.67 -9.18 17.53
C LEU A 139 -1.51 -9.91 18.87
N VAL A 140 -0.49 -10.76 18.95
CA VAL A 140 -0.10 -11.33 20.24
C VAL A 140 0.25 -10.21 21.22
N GLU A 141 -0.39 -10.20 22.40
CA GLU A 141 -0.01 -9.23 23.44
C GLU A 141 1.43 -9.44 23.91
N LEU A 142 2.23 -8.38 23.83
CA LEU A 142 3.65 -8.44 24.18
C LEU A 142 3.94 -7.65 25.44
N ALA A 143 3.10 -6.65 25.70
CA ALA A 143 3.25 -5.75 26.84
C ALA A 143 1.86 -5.34 27.32
N GLU A 144 1.70 -5.09 28.62
CA GLU A 144 0.38 -4.69 29.09
C GLU A 144 0.19 -3.18 28.91
N PRO A 145 -1.05 -2.75 28.60
CA PRO A 145 -2.22 -3.58 28.34
C PRO A 145 -2.53 -3.70 26.85
N GLY A 146 -2.47 -4.92 26.32
CA GLY A 146 -2.88 -5.17 24.95
C GLY A 146 -1.94 -4.59 23.90
N VAL A 147 -0.72 -4.26 24.32
CA VAL A 147 0.31 -3.75 23.41
C VAL A 147 0.89 -4.89 22.57
N THR A 148 0.94 -4.69 21.26
CA THR A 148 1.36 -5.72 20.32
C THR A 148 2.59 -5.29 19.51
N LEU A 149 3.12 -6.23 18.75
CA LEU A 149 4.17 -5.96 17.78
C LEU A 149 3.80 -4.84 16.80
N ARG A 150 2.52 -4.78 16.42
CA ARG A 150 2.02 -3.69 15.57
C ARG A 150 2.20 -2.29 16.20
N ASP A 151 1.86 -2.16 17.48
CA ASP A 151 2.10 -0.94 18.26
C ASP A 151 3.60 -0.55 18.31
N VAL A 152 4.46 -1.55 18.54
CA VAL A 152 5.90 -1.34 18.62
C VAL A 152 6.40 -0.83 17.27
N ALA A 153 5.89 -1.43 16.20
CA ALA A 153 6.24 -1.03 14.85
C ALA A 153 5.87 0.42 14.59
N VAL A 154 4.72 0.87 15.10
CA VAL A 154 4.31 2.27 14.96
C VAL A 154 5.29 3.16 15.73
N ASP A 155 5.64 2.72 16.94
CA ASP A 155 6.50 3.50 17.83
C ASP A 155 7.90 3.74 17.27
N VAL A 156 8.47 2.73 16.64
CA VAL A 156 9.82 2.83 16.12
C VAL A 156 9.89 3.12 14.62
N ALA A 157 8.73 3.40 14.01
CA ALA A 157 8.60 3.60 12.57
C ALA A 157 9.16 2.44 11.72
N ALA A 158 8.86 1.21 12.12
CA ALA A 158 9.35 0.04 11.38
C ALA A 158 8.36 -0.37 10.29
N ALA A 159 8.86 -0.95 9.21
CA ALA A 159 8.01 -1.71 8.31
C ALA A 159 7.93 -3.18 8.82
N ALA A 160 6.98 -3.93 8.27
CA ALA A 160 6.79 -5.30 8.69
C ALA A 160 7.04 -6.33 7.58
N LEU A 161 7.92 -7.27 7.86
CA LEU A 161 8.12 -8.41 6.98
C LEU A 161 7.28 -9.60 7.46
N VAL A 162 6.35 -10.07 6.63
CA VAL A 162 5.46 -11.16 7.06
C VAL A 162 5.78 -12.55 6.50
N VAL A 163 5.90 -13.49 7.42
CA VAL A 163 6.26 -14.86 7.11
C VAL A 163 5.01 -15.72 6.98
N VAL A 164 4.93 -16.40 5.85
CA VAL A 164 3.72 -17.12 5.45
C VAL A 164 4.05 -18.58 5.11
N THR A 165 3.03 -19.43 5.08
CA THR A 165 3.10 -20.76 4.46
C THR A 165 2.60 -20.70 3.02
N ALA A 166 2.84 -21.75 2.24
CA ALA A 166 2.13 -21.91 0.95
C ALA A 166 0.93 -22.87 1.08
N ASP A 167 0.68 -23.33 2.30
CA ASP A 167 -0.40 -24.29 2.60
C ASP A 167 -1.82 -23.69 2.51
N LEU A 168 -2.82 -24.54 2.29
CA LEU A 168 -4.22 -24.10 2.32
C LEU A 168 -4.47 -23.33 3.62
N GLY A 169 -5.18 -22.21 3.55
CA GLY A 169 -5.38 -21.36 4.72
C GLY A 169 -4.46 -20.15 4.70
N THR A 170 -3.44 -20.16 3.84
CA THR A 170 -2.46 -19.08 3.85
C THR A 170 -3.02 -17.75 3.39
N LEU A 171 -3.93 -17.79 2.40
CA LEU A 171 -4.42 -16.54 1.80
C LEU A 171 -5.25 -15.76 2.80
N ASN A 172 -6.17 -16.42 3.48
CA ASN A 172 -6.93 -15.75 4.54
C ASN A 172 -6.03 -15.18 5.64
N HIS A 173 -5.15 -16.03 6.19
CA HIS A 173 -4.18 -15.59 7.19
C HIS A 173 -3.35 -14.38 6.79
N THR A 174 -2.85 -14.38 5.55
CA THR A 174 -2.01 -13.31 5.06
C THR A 174 -2.83 -12.03 4.92
N LYS A 175 -3.99 -12.12 4.25
CA LYS A 175 -4.91 -10.97 4.14
C LYS A 175 -5.34 -10.38 5.49
N LEU A 176 -5.59 -11.23 6.48
CA LEU A 176 -5.92 -10.75 7.84
C LEU A 176 -4.75 -9.94 8.40
N THR A 177 -3.55 -10.46 8.21
CA THR A 177 -2.34 -9.79 8.73
C THR A 177 -2.07 -8.47 8.02
N LEU A 178 -2.17 -8.47 6.70
CA LEU A 178 -1.96 -7.28 5.89
C LEU A 178 -2.99 -6.19 6.19
N GLU A 179 -4.25 -6.56 6.38
CA GLU A 179 -5.28 -5.61 6.75
C GLU A 179 -4.98 -4.93 8.09
N ALA A 180 -4.58 -5.74 9.07
CA ALA A 180 -4.29 -5.23 10.38
C ALA A 180 -3.08 -4.29 10.39
N LEU A 181 -2.05 -4.61 9.60
CA LEU A 181 -0.92 -3.70 9.42
C LEU A 181 -1.41 -2.33 8.88
N ALA A 182 -2.18 -2.38 7.79
CA ALA A 182 -2.66 -1.17 7.11
C ALA A 182 -3.55 -0.33 8.02
N ALA A 183 -4.28 -0.98 8.92
CA ALA A 183 -5.18 -0.26 9.84
C ALA A 183 -4.42 0.76 10.70
N GLN A 184 -3.16 0.47 11.03
CA GLN A 184 -2.36 1.40 11.82
C GLN A 184 -1.21 1.96 10.97
N GLN A 185 -1.36 1.90 9.67
CA GLN A 185 -0.41 2.49 8.75
C GLN A 185 1.03 1.95 8.93
N VAL A 186 1.17 0.66 9.22
CA VAL A 186 2.48 0.03 9.22
C VAL A 186 2.68 -0.58 7.84
N SER A 187 3.71 -0.11 7.15
CA SER A 187 3.95 -0.56 5.79
C SER A 187 4.37 -2.05 5.75
N CYS A 188 3.92 -2.77 4.73
CA CYS A 188 4.39 -4.14 4.52
C CYS A 188 5.66 -4.13 3.66
N ALA A 189 6.74 -4.69 4.19
CA ALA A 189 8.03 -4.78 3.50
C ALA A 189 8.01 -5.93 2.49
N GLY A 190 6.99 -6.78 2.62
CA GLY A 190 6.81 -7.92 1.74
C GLY A 190 6.56 -9.22 2.49
N LEU A 191 6.47 -10.28 1.72
CA LEU A 191 6.21 -11.62 2.24
C LEU A 191 7.43 -12.53 2.12
N VAL A 192 7.58 -13.45 3.06
CA VAL A 192 8.56 -14.51 2.90
C VAL A 192 7.86 -15.85 3.14
N ILE A 193 7.92 -16.75 2.16
CA ILE A 193 7.43 -18.13 2.39
C ILE A 193 8.53 -18.87 3.17
N GLY A 194 8.23 -19.22 4.42
CA GLY A 194 9.22 -19.78 5.33
C GLY A 194 9.69 -21.19 5.00
N SER A 195 8.85 -21.95 4.29
CA SER A 195 9.20 -23.30 3.86
C SER A 195 8.54 -23.59 2.49
N TRP A 196 9.37 -23.81 1.48
CA TRP A 196 8.89 -24.01 0.15
C TRP A 196 9.28 -25.42 -0.28
N PRO A 197 8.28 -26.26 -0.58
CA PRO A 197 8.51 -27.68 -0.88
C PRO A 197 9.12 -27.90 -2.25
N ASP A 198 9.91 -28.96 -2.37
CA ASP A 198 10.38 -29.43 -3.67
C ASP A 198 9.95 -30.88 -3.92
N PRO A 199 9.18 -31.09 -4.99
CA PRO A 199 8.70 -30.02 -5.87
C PRO A 199 7.44 -29.38 -5.29
N PRO A 200 7.03 -28.20 -5.80
CA PRO A 200 5.76 -27.70 -5.24
C PRO A 200 4.57 -28.46 -5.83
N GLY A 201 3.59 -28.78 -4.99
CA GLY A 201 2.36 -29.39 -5.48
C GLY A 201 1.53 -28.33 -6.15
N LEU A 202 0.33 -28.70 -6.59
CA LEU A 202 -0.57 -27.77 -7.26
C LEU A 202 -0.98 -26.66 -6.30
N VAL A 203 -1.38 -27.05 -5.10
CA VAL A 203 -1.88 -26.10 -4.11
C VAL A 203 -0.78 -25.07 -3.75
N ALA A 204 0.39 -25.54 -3.37
CA ALA A 204 1.50 -24.65 -3.05
C ALA A 204 1.84 -23.70 -4.21
N ALA A 205 1.87 -24.21 -5.43
CA ALA A 205 2.21 -23.37 -6.60
C ALA A 205 1.14 -22.30 -6.86
N SER A 206 -0.12 -22.70 -6.74
CA SER A 206 -1.22 -21.77 -6.92
C SER A 206 -1.21 -20.69 -5.83
N ASN A 207 -0.96 -21.12 -4.59
CA ASN A 207 -0.93 -20.21 -3.46
C ASN A 207 0.19 -19.19 -3.54
N ARG A 208 1.36 -19.62 -4.04
CA ARG A 208 2.45 -18.69 -4.30
C ARG A 208 2.11 -17.62 -5.33
N SER A 209 1.40 -18.01 -6.39
CA SER A 209 0.96 -17.05 -7.40
C SER A 209 -0.03 -16.05 -6.81
N ALA A 210 -0.97 -16.56 -6.02
CA ALA A 210 -1.98 -15.73 -5.36
C ALA A 210 -1.36 -14.77 -4.35
N LEU A 211 -0.41 -15.28 -3.56
CA LEU A 211 0.37 -14.44 -2.61
C LEU A 211 1.13 -13.30 -3.30
N ALA A 212 1.75 -13.59 -4.45
CA ALA A 212 2.42 -12.56 -5.22
C ALA A 212 1.48 -11.46 -5.77
N ARG A 213 0.18 -11.73 -5.76
CA ARG A 213 -0.79 -10.75 -6.27
C ARG A 213 -1.25 -9.77 -5.19
N ILE A 214 -1.10 -10.15 -3.93
CA ILE A 214 -1.47 -9.23 -2.85
C ILE A 214 -0.27 -8.51 -2.21
N ALA A 215 0.95 -8.97 -2.50
CA ALA A 215 2.18 -8.36 -1.97
C ALA A 215 3.43 -8.93 -2.62
N MET A 216 4.55 -8.23 -2.46
CA MET A 216 5.84 -8.68 -3.01
C MET A 216 6.34 -9.86 -2.19
N VAL A 217 6.63 -10.96 -2.87
CA VAL A 217 7.20 -12.13 -2.22
C VAL A 217 8.74 -12.06 -2.28
N ARG A 218 9.33 -11.74 -1.14
CA ARG A 218 10.77 -11.45 -1.05
C ARG A 218 11.63 -12.70 -1.25
N ALA A 219 11.10 -13.84 -0.80
CA ALA A 219 11.84 -15.11 -0.80
C ALA A 219 10.91 -16.27 -0.52
N ALA A 220 11.35 -17.46 -0.91
CA ALA A 220 10.69 -18.69 -0.48
C ALA A 220 11.83 -19.63 -0.13
N LEU A 221 12.03 -19.86 1.16
CA LEU A 221 13.18 -20.63 1.65
C LEU A 221 12.90 -22.11 1.48
N PRO A 222 13.90 -22.85 0.95
CA PRO A 222 13.78 -24.30 0.75
C PRO A 222 13.37 -25.01 2.03
N ALA A 223 12.40 -25.91 1.94
CA ALA A 223 12.06 -26.74 3.08
C ALA A 223 13.36 -27.36 3.59
N GLY A 224 13.50 -27.49 4.91
CA GLY A 224 14.74 -28.01 5.47
C GLY A 224 15.89 -27.01 5.59
N ALA A 225 15.66 -25.75 5.22
CA ALA A 225 16.68 -24.69 5.34
C ALA A 225 17.28 -24.62 6.74
N ALA A 226 16.46 -24.89 7.76
CA ALA A 226 16.85 -24.77 9.15
C ALA A 226 17.97 -25.74 9.55
N SER A 227 18.06 -26.86 8.83
CA SER A 227 19.06 -27.90 9.14
C SER A 227 20.33 -27.79 8.30
N LEU A 228 20.45 -26.73 7.50
CA LEU A 228 21.62 -26.54 6.65
C LEU A 228 22.86 -26.17 7.46
N ASP A 229 24.02 -26.39 6.86
CA ASP A 229 25.32 -26.00 7.41
C ASP A 229 25.41 -24.50 7.50
N ALA A 230 26.35 -23.99 8.29
CA ALA A 230 26.70 -22.58 8.29
C ALA A 230 27.01 -22.13 6.86
N GLY A 231 27.80 -22.93 6.15
CA GLY A 231 28.19 -22.62 4.78
C GLY A 231 27.03 -22.75 3.82
N ASP A 232 26.30 -23.85 3.93
CA ASP A 232 25.16 -24.07 3.04
C ASP A 232 24.03 -23.07 3.30
N PHE A 233 23.80 -22.74 4.57
CA PHE A 233 22.77 -21.76 4.94
C PHE A 233 23.10 -20.38 4.36
N ALA A 234 24.39 -20.01 4.42
CA ALA A 234 24.89 -18.75 3.86
C ALA A 234 24.63 -18.65 2.36
N ALA A 235 24.98 -19.72 1.64
CA ALA A 235 24.72 -19.83 0.21
C ALA A 235 23.21 -19.78 -0.09
N MET A 236 22.43 -20.57 0.64
CA MET A 236 20.97 -20.53 0.52
C MET A 236 20.43 -19.09 0.69
N SER A 237 20.92 -18.40 1.71
CA SER A 237 20.39 -17.07 2.06
C SER A 237 20.69 -16.04 0.97
N ALA A 238 21.92 -16.06 0.45
CA ALA A 238 22.33 -15.18 -0.64
C ALA A 238 21.51 -15.40 -1.92
N ALA A 239 21.19 -16.66 -2.21
CA ALA A 239 20.36 -17.02 -3.36
C ALA A 239 18.88 -16.72 -3.18
N ALA A 240 18.40 -16.69 -1.92
CA ALA A 240 16.95 -16.64 -1.66
C ALA A 240 16.31 -15.26 -1.86
N PHE A 241 17.06 -14.21 -1.56
CA PHE A 241 16.55 -12.83 -1.67
C PHE A 241 17.07 -12.13 -2.91
N ASP A 242 16.30 -11.17 -3.42
CA ASP A 242 16.78 -10.31 -4.51
C ASP A 242 17.86 -9.40 -3.92
N ARG A 243 19.03 -9.35 -4.56
CA ARG A 243 20.14 -8.58 -3.98
C ARG A 243 19.89 -7.09 -4.00
N ASN A 244 19.19 -6.61 -5.02
CA ASN A 244 18.77 -5.21 -5.09
C ASN A 244 17.85 -4.84 -3.92
N TRP A 245 16.90 -5.71 -3.59
CA TRP A 245 15.98 -5.45 -2.47
C TRP A 245 16.73 -5.36 -1.15
N VAL A 246 17.56 -6.36 -0.88
CA VAL A 246 18.37 -6.41 0.34
C VAL A 246 19.31 -5.18 0.42
N ALA A 247 19.99 -4.90 -0.68
CA ALA A 247 20.92 -3.76 -0.75
C ALA A 247 20.23 -2.41 -0.57
N GLY A 248 18.94 -2.33 -0.92
CA GLY A 248 18.21 -1.08 -0.81
C GLY A 248 17.60 -0.85 0.57
N LEU A 249 17.69 -1.85 1.43
CA LEU A 249 17.06 -1.76 2.76
C LEU A 249 17.63 -0.66 3.66
N VAL A 250 18.93 -0.36 3.51
CA VAL A 250 19.60 0.63 4.34
C VAL A 250 20.14 1.85 3.57
N GLY A 251 19.45 2.26 2.50
CA GLY A 251 19.79 3.50 1.80
C GLY A 251 20.57 3.31 0.51
N MET B 26 -33.98 -9.78 9.37
CA MET B 26 -33.39 -11.05 8.83
C MET B 26 -32.60 -11.79 9.90
N THR B 27 -32.72 -13.11 9.95
CA THR B 27 -31.95 -13.90 10.94
C THR B 27 -30.90 -14.83 10.34
N ILE B 28 -29.76 -14.25 10.02
CA ILE B 28 -28.72 -14.92 9.28
C ILE B 28 -27.39 -14.84 10.03
N LEU B 29 -26.74 -15.98 10.19
CA LEU B 29 -25.36 -16.00 10.68
C LEU B 29 -24.46 -16.52 9.60
N VAL B 30 -23.36 -15.82 9.34
CA VAL B 30 -22.27 -16.47 8.61
C VAL B 30 -21.42 -17.25 9.61
N VAL B 31 -20.90 -18.39 9.18
CA VAL B 31 -20.03 -19.20 10.02
C VAL B 31 -18.70 -19.26 9.32
N THR B 32 -17.67 -18.78 10.01
CA THR B 32 -16.36 -18.60 9.42
C THR B 32 -15.29 -19.15 10.40
N GLY B 33 -14.19 -19.64 9.85
CA GLY B 33 -13.18 -20.27 10.66
C GLY B 33 -11.87 -19.50 10.55
N THR B 34 -11.14 -19.46 11.66
CA THR B 34 -9.86 -18.73 11.73
C THR B 34 -8.73 -19.41 10.95
N GLY B 35 -8.96 -20.67 10.57
CA GLY B 35 -8.00 -21.42 9.77
C GLY B 35 -8.67 -22.63 9.19
N THR B 36 -7.94 -23.41 8.39
CA THR B 36 -8.44 -24.65 7.83
C THR B 36 -8.49 -25.70 8.95
N GLY B 37 -9.42 -26.62 8.85
CA GLY B 37 -9.53 -27.71 9.81
C GLY B 37 -9.77 -27.28 11.25
N VAL B 38 -10.50 -26.17 11.44
CA VAL B 38 -10.92 -25.74 12.78
C VAL B 38 -12.22 -26.42 13.23
N GLY B 39 -12.87 -27.12 12.31
CA GLY B 39 -14.16 -27.77 12.57
C GLY B 39 -15.38 -26.94 12.21
N LYS B 40 -15.25 -26.12 11.17
CA LYS B 40 -16.34 -25.23 10.75
C LYS B 40 -17.67 -25.94 10.44
N THR B 41 -17.62 -26.98 9.60
CA THR B 41 -18.81 -27.73 9.20
C THR B 41 -19.51 -28.39 10.40
N VAL B 42 -18.74 -28.98 11.30
CA VAL B 42 -19.32 -29.61 12.49
C VAL B 42 -19.94 -28.58 13.45
N VAL B 43 -19.35 -27.39 13.54
CA VAL B 43 -20.00 -26.30 14.27
C VAL B 43 -21.33 -25.91 13.63
N CYS B 44 -21.37 -25.81 12.30
CA CYS B 44 -22.63 -25.50 11.61
C CYS B 44 -23.67 -26.57 11.94
N ALA B 45 -23.27 -27.84 11.92
CA ALA B 45 -24.16 -28.97 12.23
C ALA B 45 -24.64 -28.94 13.67
N ALA B 46 -23.72 -28.68 14.59
CA ALA B 46 -24.01 -28.57 16.03
C ALA B 46 -24.99 -27.46 16.35
N LEU B 47 -24.74 -26.26 15.84
CA LEU B 47 -25.69 -25.17 16.01
C LEU B 47 -27.03 -25.48 15.35
N ALA B 48 -27.00 -26.00 14.13
CA ALA B 48 -28.24 -26.43 13.46
C ALA B 48 -29.04 -27.41 14.31
N SER B 49 -28.36 -28.40 14.92
CA SER B 49 -29.00 -29.40 15.77
C SER B 49 -29.62 -28.80 17.02
N ALA B 50 -28.86 -27.95 17.72
CA ALA B 50 -29.36 -27.28 18.92
C ALA B 50 -30.54 -26.39 18.59
N ALA B 51 -30.52 -25.75 17.43
CA ALA B 51 -31.63 -24.87 17.01
C ALA B 51 -32.89 -25.68 16.67
N ARG B 52 -32.72 -26.79 15.94
CA ARG B 52 -33.85 -27.69 15.66
C ARG B 52 -34.49 -28.24 16.94
N GLN B 53 -33.66 -28.55 17.93
CA GLN B 53 -34.16 -29.09 19.19
C GLN B 53 -34.85 -28.04 20.06
N ALA B 54 -34.58 -26.78 19.78
CA ALA B 54 -35.28 -25.68 20.44
C ALA B 54 -36.54 -25.27 19.67
N GLY B 55 -36.92 -26.08 18.68
CA GLY B 55 -38.12 -25.84 17.88
C GLY B 55 -37.97 -24.77 16.81
N ILE B 56 -36.74 -24.53 16.38
CA ILE B 56 -36.47 -23.50 15.38
C ILE B 56 -36.17 -24.14 14.02
N ASP B 57 -36.79 -23.61 12.97
CA ASP B 57 -36.52 -24.05 11.62
C ASP B 57 -35.13 -23.59 11.15
N VAL B 58 -34.37 -24.47 10.52
CA VAL B 58 -32.98 -24.14 10.16
C VAL B 58 -32.69 -24.39 8.67
N ALA B 59 -32.09 -23.42 8.01
CA ALA B 59 -31.51 -23.61 6.68
C ALA B 59 -30.00 -23.39 6.75
N VAL B 60 -29.27 -24.14 5.95
CA VAL B 60 -27.84 -23.99 5.88
C VAL B 60 -27.44 -23.83 4.41
N CYS B 61 -26.67 -22.78 4.15
CA CYS B 61 -26.19 -22.43 2.80
C CYS B 61 -24.67 -22.52 2.73
N LYS B 62 -24.17 -23.29 1.79
CA LYS B 62 -22.74 -23.37 1.48
C LYS B 62 -22.56 -22.96 0.02
N PRO B 63 -22.49 -21.64 -0.24
CA PRO B 63 -22.45 -21.14 -1.61
C PRO B 63 -21.40 -21.86 -2.45
N VAL B 64 -20.18 -21.99 -1.94
CA VAL B 64 -19.09 -22.63 -2.66
C VAL B 64 -18.43 -23.77 -1.88
N GLN B 65 -18.37 -24.93 -2.51
CA GLN B 65 -17.75 -26.09 -1.93
C GLN B 65 -16.48 -26.40 -2.71
N THR B 66 -15.36 -26.59 -2.02
CA THR B 66 -14.13 -27.01 -2.69
C THR B 66 -13.69 -28.40 -2.19
N GLY B 67 -12.70 -28.97 -2.86
CA GLY B 67 -12.16 -30.26 -2.44
C GLY B 67 -13.10 -31.43 -2.64
N THR B 68 -13.91 -31.37 -3.70
CA THR B 68 -14.85 -32.46 -3.96
C THR B 68 -14.12 -33.70 -4.50
N ALA B 69 -12.97 -33.50 -5.13
CA ALA B 69 -12.17 -34.63 -5.58
C ALA B 69 -11.91 -35.61 -4.43
N ARG B 70 -11.43 -35.08 -3.30
CA ARG B 70 -11.16 -35.92 -2.13
C ARG B 70 -12.41 -36.24 -1.30
N GLY B 71 -13.59 -35.89 -1.80
CA GLY B 71 -14.84 -36.32 -1.20
C GLY B 71 -15.57 -35.32 -0.32
N ASP B 72 -15.16 -34.06 -0.37
CA ASP B 72 -15.80 -33.03 0.46
C ASP B 72 -17.22 -32.66 0.01
N ASP B 73 -18.14 -32.63 0.98
CA ASP B 73 -19.51 -32.17 0.77
C ASP B 73 -20.06 -31.78 2.13
N ASP B 74 -19.87 -30.52 2.50
CA ASP B 74 -20.22 -30.07 3.83
C ASP B 74 -21.73 -30.10 4.06
N LEU B 75 -22.51 -29.81 3.02
CA LEU B 75 -23.97 -29.84 3.15
C LEU B 75 -24.50 -31.24 3.53
N ALA B 76 -23.90 -32.28 2.95
CA ALA B 76 -24.30 -33.66 3.28
C ALA B 76 -23.96 -34.00 4.71
N GLU B 77 -22.79 -33.54 5.16
CA GLU B 77 -22.38 -33.73 6.55
C GLU B 77 -23.40 -33.11 7.51
N VAL B 78 -23.79 -31.85 7.26
CA VAL B 78 -24.85 -31.18 8.04
C VAL B 78 -26.21 -31.90 8.04
N GLY B 79 -26.65 -32.34 6.85
CA GLY B 79 -27.86 -33.15 6.72
C GLY B 79 -27.83 -34.42 7.57
N ARG B 80 -26.73 -35.18 7.47
CA ARG B 80 -26.60 -36.45 8.21
C ARG B 80 -26.55 -36.19 9.71
N LEU B 81 -25.72 -35.23 10.11
CA LEU B 81 -25.46 -35.00 11.52
C LEU B 81 -26.62 -34.32 12.25
N ALA B 82 -27.30 -33.39 11.55
CA ALA B 82 -28.29 -32.52 12.20
C ALA B 82 -29.72 -32.63 11.65
N GLY B 83 -29.90 -33.37 10.56
CA GLY B 83 -31.24 -33.61 9.98
C GLY B 83 -31.82 -32.42 9.23
N VAL B 84 -30.96 -31.44 8.95
CA VAL B 84 -31.32 -30.26 8.16
C VAL B 84 -31.62 -30.70 6.74
N THR B 85 -32.68 -30.14 6.18
CA THR B 85 -33.21 -30.58 4.92
C THR B 85 -33.09 -29.41 3.90
N GLN B 86 -33.13 -28.18 4.41
CA GLN B 86 -32.93 -26.99 3.59
C GLN B 86 -31.44 -26.65 3.48
N LEU B 87 -30.82 -27.21 2.44
CA LEU B 87 -29.38 -27.24 2.25
C LEU B 87 -29.10 -26.71 0.86
N ALA B 88 -28.56 -25.49 0.79
CA ALA B 88 -28.43 -24.75 -0.45
C ALA B 88 -26.96 -24.49 -0.80
N GLY B 89 -26.64 -24.66 -2.08
CA GLY B 89 -25.29 -24.38 -2.59
C GLY B 89 -25.36 -23.96 -4.05
N LEU B 90 -24.27 -23.40 -4.57
CA LEU B 90 -24.22 -22.89 -5.95
C LEU B 90 -23.12 -23.45 -6.83
N ALA B 91 -22.03 -23.91 -6.21
CA ALA B 91 -20.84 -24.35 -6.96
C ALA B 91 -20.01 -25.29 -6.13
N ARG B 92 -19.35 -26.22 -6.81
CA ARG B 92 -18.52 -27.25 -6.17
C ARG B 92 -17.30 -27.44 -7.04
N TYR B 93 -16.10 -27.36 -6.45
CA TYR B 93 -14.84 -27.52 -7.20
C TYR B 93 -14.03 -28.70 -6.67
N PRO B 94 -13.42 -29.49 -7.58
CA PRO B 94 -12.63 -30.68 -7.19
C PRO B 94 -11.43 -30.35 -6.29
N GLN B 95 -10.66 -29.30 -6.64
CA GLN B 95 -9.43 -28.93 -5.90
C GLN B 95 -9.60 -28.45 -4.44
N PRO B 96 -8.76 -28.97 -3.52
CA PRO B 96 -8.70 -28.52 -2.13
C PRO B 96 -7.90 -27.23 -2.03
N MET B 97 -8.42 -26.18 -2.67
CA MET B 97 -7.83 -24.87 -2.64
C MET B 97 -8.90 -23.88 -2.21
N ALA B 98 -8.49 -22.65 -1.92
CA ALA B 98 -9.45 -21.57 -1.73
C ALA B 98 -10.27 -21.43 -3.01
N PRO B 99 -11.52 -20.96 -2.89
CA PRO B 99 -12.43 -20.82 -4.02
C PRO B 99 -11.80 -20.25 -5.31
N ALA B 100 -11.17 -19.09 -5.23
CA ALA B 100 -10.56 -18.43 -6.39
C ALA B 100 -9.53 -19.32 -7.08
N ALA B 101 -8.63 -19.87 -6.29
CA ALA B 101 -7.64 -20.84 -6.75
C ALA B 101 -8.29 -22.07 -7.40
N ALA B 102 -9.31 -22.64 -6.75
CA ALA B 102 -10.04 -23.80 -7.28
C ALA B 102 -10.68 -23.53 -8.64
N ALA B 103 -11.40 -22.41 -8.73
CA ALA B 103 -12.05 -21.96 -9.96
C ALA B 103 -11.02 -21.69 -11.04
N GLU B 104 -9.88 -21.09 -10.66
CA GLU B 104 -8.82 -20.76 -11.61
C GLU B 104 -8.27 -22.04 -12.23
N HIS B 105 -8.00 -23.04 -11.40
CA HIS B 105 -7.51 -24.32 -11.88
C HIS B 105 -8.55 -24.98 -12.78
N ALA B 106 -9.82 -24.83 -12.40
CA ALA B 106 -10.95 -25.42 -13.11
C ALA B 106 -11.18 -24.77 -14.47
N GLY B 107 -10.76 -23.52 -14.61
CA GLY B 107 -11.05 -22.73 -15.79
C GLY B 107 -12.49 -22.24 -15.81
N MET B 108 -13.10 -22.16 -14.64
CA MET B 108 -14.52 -21.82 -14.53
C MET B 108 -14.77 -20.83 -13.40
N ALA B 109 -15.29 -19.66 -13.76
CA ALA B 109 -15.50 -18.56 -12.80
C ALA B 109 -16.30 -18.94 -11.57
N LEU B 110 -16.09 -18.19 -10.49
CA LEU B 110 -16.90 -18.32 -9.28
C LEU B 110 -18.32 -17.79 -9.56
N PRO B 111 -19.27 -18.10 -8.66
CA PRO B 111 -20.60 -17.48 -8.75
C PRO B 111 -20.52 -15.95 -8.67
N ALA B 112 -21.56 -15.28 -9.18
CA ALA B 112 -21.69 -13.83 -9.07
C ALA B 112 -22.13 -13.44 -7.66
N ARG B 113 -21.78 -12.21 -7.29
CA ARG B 113 -22.17 -11.62 -6.01
C ARG B 113 -23.69 -11.70 -5.79
N ASP B 114 -24.47 -11.34 -6.80
CA ASP B 114 -25.93 -11.33 -6.67
C ASP B 114 -26.49 -12.74 -6.42
N GLN B 115 -25.91 -13.73 -7.08
CA GLN B 115 -26.29 -15.13 -6.83
C GLN B 115 -26.24 -15.51 -5.36
N ILE B 116 -25.11 -15.21 -4.71
CA ILE B 116 -24.92 -15.57 -3.32
C ILE B 116 -25.89 -14.82 -2.42
N VAL B 117 -25.93 -13.49 -2.57
CA VAL B 117 -26.73 -12.64 -1.71
C VAL B 117 -28.23 -12.92 -1.82
N ARG B 118 -28.70 -13.15 -3.05
CA ARG B 118 -30.12 -13.44 -3.27
C ARG B 118 -30.52 -14.83 -2.79
N LEU B 119 -29.64 -15.80 -2.98
CA LEU B 119 -29.85 -17.15 -2.48
C LEU B 119 -30.15 -17.08 -0.97
N ILE B 120 -29.24 -16.43 -0.25
CA ILE B 120 -29.34 -16.27 1.20
C ILE B 120 -30.58 -15.48 1.60
N ALA B 121 -30.81 -14.35 0.94
CA ALA B 121 -31.96 -13.51 1.24
C ALA B 121 -33.28 -14.28 1.06
N ASP B 122 -33.32 -15.16 0.07
CA ASP B 122 -34.49 -15.98 -0.22
C ASP B 122 -34.76 -17.11 0.79
N LEU B 123 -33.70 -17.61 1.43
CA LEU B 123 -33.83 -18.65 2.45
C LEU B 123 -34.45 -18.07 3.70
N ASP B 124 -34.13 -16.80 3.94
CA ASP B 124 -34.53 -16.09 5.16
C ASP B 124 -36.06 -16.08 5.32
N ARG B 125 -36.53 -16.61 6.45
CA ARG B 125 -37.96 -16.69 6.79
C ARG B 125 -38.14 -16.34 8.27
N PRO B 126 -39.37 -16.01 8.70
CA PRO B 126 -39.65 -15.81 10.12
C PRO B 126 -39.52 -17.11 10.92
N GLY B 127 -38.94 -17.01 12.12
CA GLY B 127 -38.78 -18.17 12.99
C GLY B 127 -37.71 -19.13 12.50
N ARG B 128 -36.97 -18.69 11.50
CA ARG B 128 -35.97 -19.50 10.83
C ARG B 128 -34.55 -18.94 11.06
N LEU B 129 -33.65 -19.85 11.39
CA LEU B 129 -32.25 -19.51 11.52
C LEU B 129 -31.53 -19.97 10.26
N THR B 130 -30.98 -19.02 9.51
CA THR B 130 -30.25 -19.37 8.31
C THR B 130 -28.75 -19.24 8.59
N LEU B 131 -28.03 -20.36 8.42
CA LEU B 131 -26.57 -20.41 8.56
C LEU B 131 -25.90 -20.37 7.20
N VAL B 132 -24.90 -19.49 7.04
CA VAL B 132 -24.11 -19.45 5.82
C VAL B 132 -22.69 -19.88 6.13
N GLU B 133 -22.30 -21.05 5.62
CA GLU B 133 -20.96 -21.58 5.81
C GLU B 133 -20.00 -21.09 4.75
N GLY B 134 -18.89 -20.51 5.17
CA GLY B 134 -17.91 -19.96 4.23
C GLY B 134 -17.02 -21.03 3.65
N ALA B 135 -16.06 -20.62 2.83
CA ALA B 135 -15.08 -21.53 2.26
C ALA B 135 -13.76 -20.78 2.11
N GLY B 136 -12.78 -21.12 2.93
CA GLY B 136 -11.45 -20.51 2.76
C GLY B 136 -11.11 -19.30 3.63
N GLY B 137 -12.06 -18.87 4.46
CA GLY B 137 -11.77 -17.81 5.42
C GLY B 137 -12.54 -16.56 5.14
N LEU B 138 -12.62 -15.68 6.14
CA LEU B 138 -13.43 -14.45 6.06
C LEU B 138 -13.07 -13.56 4.88
N LEU B 139 -11.79 -13.52 4.54
CA LEU B 139 -11.26 -12.44 3.68
C LEU B 139 -10.92 -12.86 2.25
N VAL B 140 -11.03 -14.14 1.96
CA VAL B 140 -10.79 -14.64 0.62
C VAL B 140 -12.03 -14.46 -0.30
N GLU B 141 -11.75 -14.35 -1.60
CA GLU B 141 -12.78 -14.27 -2.62
C GLU B 141 -13.71 -15.50 -2.59
N LEU B 142 -15.02 -15.23 -2.57
CA LEU B 142 -16.05 -16.25 -2.53
C LEU B 142 -16.85 -16.16 -3.82
N ALA B 143 -16.98 -14.92 -4.31
CA ALA B 143 -17.72 -14.63 -5.54
C ALA B 143 -16.98 -13.62 -6.42
N GLU B 144 -17.27 -13.67 -7.73
CA GLU B 144 -16.75 -12.70 -8.71
C GLU B 144 -17.40 -11.33 -8.54
N PRO B 145 -16.61 -10.24 -8.62
CA PRO B 145 -15.15 -10.12 -8.65
C PRO B 145 -14.61 -9.60 -7.31
N GLY B 146 -13.85 -10.44 -6.60
CA GLY B 146 -13.20 -10.04 -5.36
C GLY B 146 -14.11 -9.99 -4.15
N VAL B 147 -15.30 -10.57 -4.26
CA VAL B 147 -16.30 -10.48 -3.19
C VAL B 147 -16.03 -11.51 -2.12
N THR B 148 -15.96 -11.08 -0.86
CA THR B 148 -15.61 -11.98 0.24
C THR B 148 -16.83 -12.34 1.10
N LEU B 149 -16.62 -13.26 2.04
CA LEU B 149 -17.67 -13.65 2.96
C LEU B 149 -18.04 -12.46 3.82
N ARG B 150 -17.05 -11.64 4.14
CA ARG B 150 -17.28 -10.42 4.88
C ARG B 150 -18.23 -9.48 4.12
N ASP B 151 -18.05 -9.40 2.81
CA ASP B 151 -18.85 -8.52 1.96
C ASP B 151 -20.30 -9.01 1.93
N VAL B 152 -20.46 -10.33 1.79
CA VAL B 152 -21.77 -10.98 1.80
C VAL B 152 -22.50 -10.72 3.11
N ALA B 153 -21.77 -10.86 4.23
CA ALA B 153 -22.29 -10.54 5.57
C ALA B 153 -22.84 -9.13 5.66
N VAL B 154 -22.09 -8.16 5.15
CA VAL B 154 -22.52 -6.76 5.07
C VAL B 154 -23.83 -6.63 4.27
N ASP B 155 -23.81 -7.16 3.06
CA ASP B 155 -24.96 -7.11 2.16
C ASP B 155 -26.27 -7.68 2.74
N VAL B 156 -26.19 -8.77 3.50
CA VAL B 156 -27.39 -9.40 4.05
C VAL B 156 -27.61 -9.16 5.54
N ALA B 157 -26.84 -8.24 6.12
CA ALA B 157 -26.93 -7.87 7.54
C ALA B 157 -26.77 -9.06 8.50
N ALA B 158 -25.88 -9.97 8.14
CA ALA B 158 -25.61 -11.13 8.98
C ALA B 158 -24.59 -10.76 10.05
N ALA B 159 -24.76 -11.31 11.25
CA ALA B 159 -23.65 -11.36 12.21
C ALA B 159 -22.79 -12.58 11.86
N ALA B 160 -21.58 -12.62 12.41
CA ALA B 160 -20.63 -13.70 12.14
C ALA B 160 -20.32 -14.52 13.38
N LEU B 161 -20.47 -15.83 13.25
CA LEU B 161 -20.05 -16.75 14.29
C LEU B 161 -18.68 -17.29 13.91
N VAL B 162 -17.72 -17.15 14.82
CA VAL B 162 -16.33 -17.44 14.47
C VAL B 162 -15.86 -18.73 15.10
N VAL B 163 -15.42 -19.66 14.25
CA VAL B 163 -14.94 -20.96 14.74
C VAL B 163 -13.41 -20.91 14.93
N VAL B 164 -12.94 -21.30 16.12
CA VAL B 164 -11.56 -21.12 16.51
C VAL B 164 -11.03 -22.44 17.08
N THR B 165 -9.71 -22.58 17.14
CA THR B 165 -9.09 -23.66 17.88
C THR B 165 -8.79 -23.20 19.31
N ALA B 166 -8.41 -24.15 20.15
CA ALA B 166 -7.89 -23.81 21.47
C ALA B 166 -6.37 -23.89 21.46
N ASP B 167 -5.79 -24.11 20.28
CA ASP B 167 -4.35 -24.29 20.14
C ASP B 167 -3.56 -22.99 20.13
N LEU B 168 -2.27 -23.09 20.41
CA LEU B 168 -1.36 -21.97 20.26
C LEU B 168 -1.57 -21.29 18.92
N GLY B 169 -1.74 -19.98 18.97
CA GLY B 169 -1.96 -19.18 17.78
C GLY B 169 -3.37 -18.67 17.63
N THR B 170 -4.29 -19.20 18.45
CA THR B 170 -5.70 -18.90 18.32
C THR B 170 -6.06 -17.47 18.74
N LEU B 171 -5.40 -16.95 19.76
CA LEU B 171 -5.66 -15.59 20.21
C LEU B 171 -5.31 -14.57 19.12
N ASN B 172 -4.15 -14.75 18.50
CA ASN B 172 -3.81 -13.92 17.35
C ASN B 172 -4.85 -14.00 16.20
N HIS B 173 -5.15 -15.22 15.75
CA HIS B 173 -6.14 -15.41 14.68
C HIS B 173 -7.52 -14.87 15.02
N THR B 174 -7.95 -15.12 16.25
CA THR B 174 -9.21 -14.61 16.73
C THR B 174 -9.21 -13.07 16.71
N LYS B 175 -8.17 -12.44 17.26
CA LYS B 175 -8.13 -10.97 17.32
C LYS B 175 -8.11 -10.34 15.93
N LEU B 176 -7.35 -10.97 15.03
CA LEU B 176 -7.22 -10.54 13.64
C LEU B 176 -8.60 -10.59 12.94
N THR B 177 -9.32 -11.67 13.17
CA THR B 177 -10.64 -11.85 12.55
C THR B 177 -11.62 -10.85 13.12
N LEU B 178 -11.61 -10.67 14.45
CA LEU B 178 -12.49 -9.70 15.12
C LEU B 178 -12.24 -8.27 14.62
N GLU B 179 -10.97 -7.92 14.37
CA GLU B 179 -10.63 -6.62 13.81
C GLU B 179 -11.19 -6.51 12.43
N ALA B 180 -11.04 -7.58 11.63
CA ALA B 180 -11.53 -7.54 10.27
C ALA B 180 -13.08 -7.38 10.22
N LEU B 181 -13.78 -8.05 11.14
CA LEU B 181 -15.24 -7.90 11.24
C LEU B 181 -15.66 -6.48 11.62
N ALA B 182 -15.06 -5.96 12.69
CA ALA B 182 -15.34 -4.58 13.13
C ALA B 182 -15.00 -3.55 12.03
N ALA B 183 -13.98 -3.82 11.22
CA ALA B 183 -13.60 -2.92 10.12
C ALA B 183 -14.75 -2.60 9.17
N GLN B 184 -15.65 -3.55 8.96
CA GLN B 184 -16.83 -3.32 8.11
C GLN B 184 -18.14 -3.41 8.91
N GLN B 185 -18.03 -3.19 10.21
CA GLN B 185 -19.18 -3.18 11.12
C GLN B 185 -20.09 -4.42 11.02
N VAL B 186 -19.49 -5.59 10.77
CA VAL B 186 -20.28 -6.81 10.95
C VAL B 186 -20.13 -7.30 12.38
N SER B 187 -21.29 -7.50 13.04
CA SER B 187 -21.35 -7.98 14.40
C SER B 187 -20.75 -9.36 14.55
N CYS B 188 -20.06 -9.56 15.67
CA CYS B 188 -19.59 -10.88 16.04
C CYS B 188 -20.59 -11.54 16.98
N ALA B 189 -21.18 -12.66 16.53
CA ALA B 189 -22.18 -13.40 17.32
C ALA B 189 -21.54 -14.28 18.39
N GLY B 190 -20.21 -14.31 18.42
CA GLY B 190 -19.46 -15.13 19.38
C GLY B 190 -18.48 -16.10 18.72
N LEU B 191 -17.76 -16.85 19.56
CA LEU B 191 -16.82 -17.87 19.11
C LEU B 191 -17.36 -19.27 19.43
N VAL B 192 -16.93 -20.23 18.63
CA VAL B 192 -17.14 -21.62 19.02
C VAL B 192 -15.81 -22.32 18.86
N ILE B 193 -15.35 -22.97 19.91
CA ILE B 193 -14.16 -23.82 19.79
C ILE B 193 -14.59 -25.13 19.11
N GLY B 194 -14.10 -25.33 17.88
CA GLY B 194 -14.58 -26.41 17.04
C GLY B 194 -14.20 -27.78 17.56
N SER B 195 -13.14 -27.83 18.36
CA SER B 195 -12.65 -29.08 18.92
C SER B 195 -11.95 -28.87 20.25
N TRP B 196 -12.58 -29.33 21.33
CA TRP B 196 -12.08 -29.16 22.66
C TRP B 196 -11.42 -30.49 23.07
N PRO B 197 -10.10 -30.46 23.34
CA PRO B 197 -9.32 -31.69 23.58
C PRO B 197 -9.62 -32.40 24.91
N ASP B 198 -9.33 -33.70 24.96
CA ASP B 198 -9.41 -34.46 26.20
C ASP B 198 -8.15 -35.30 26.44
N PRO B 199 -7.45 -35.05 27.56
CA PRO B 199 -7.72 -33.92 28.45
C PRO B 199 -7.20 -32.64 27.81
N PRO B 200 -7.73 -31.46 28.25
CA PRO B 200 -7.38 -30.18 27.62
C PRO B 200 -5.88 -29.88 27.53
N GLY B 201 -5.21 -29.72 28.68
CA GLY B 201 -3.81 -29.30 28.67
C GLY B 201 -3.67 -27.85 29.09
N LEU B 202 -2.44 -27.45 29.38
CA LEU B 202 -2.18 -26.11 29.90
C LEU B 202 -2.52 -25.04 28.89
N VAL B 203 -2.12 -25.26 27.64
CA VAL B 203 -2.35 -24.27 26.58
C VAL B 203 -3.83 -24.09 26.25
N ALA B 204 -4.53 -25.20 26.00
CA ALA B 204 -5.95 -25.13 25.67
C ALA B 204 -6.75 -24.47 26.78
N ALA B 205 -6.42 -24.82 28.03
CA ALA B 205 -7.13 -24.31 29.20
C ALA B 205 -6.95 -22.79 29.34
N SER B 206 -5.70 -22.35 29.17
CA SER B 206 -5.37 -20.93 29.19
C SER B 206 -6.01 -20.15 28.04
N ASN B 207 -6.00 -20.76 26.85
CA ASN B 207 -6.58 -20.10 25.68
C ASN B 207 -8.08 -19.90 25.80
N ARG B 208 -8.76 -20.90 26.35
CA ARG B 208 -10.18 -20.83 26.57
C ARG B 208 -10.59 -19.70 27.53
N SER B 209 -9.85 -19.49 28.62
CA SER B 209 -10.07 -18.31 29.46
C SER B 209 -9.75 -17.02 28.71
N ALA B 210 -8.67 -17.02 27.94
CA ALA B 210 -8.24 -15.82 27.23
C ALA B 210 -9.21 -15.46 26.10
N LEU B 211 -9.68 -16.48 25.39
CA LEU B 211 -10.69 -16.31 24.34
C LEU B 211 -11.96 -15.71 24.94
N ALA B 212 -12.33 -16.17 26.14
CA ALA B 212 -13.52 -15.67 26.81
C ALA B 212 -13.41 -14.19 27.24
N ARG B 213 -12.18 -13.71 27.40
CA ARG B 213 -11.96 -12.29 27.70
C ARG B 213 -12.10 -11.39 26.47
N ILE B 214 -11.89 -11.91 25.26
CA ILE B 214 -12.08 -11.07 24.09
C ILE B 214 -13.42 -11.22 23.40
N ALA B 215 -14.10 -12.35 23.57
CA ALA B 215 -15.46 -12.52 23.04
C ALA B 215 -16.25 -13.62 23.75
N MET B 216 -17.55 -13.67 23.52
CA MET B 216 -18.37 -14.72 24.12
C MET B 216 -18.08 -16.06 23.46
N VAL B 217 -17.70 -17.04 24.28
CA VAL B 217 -17.54 -18.42 23.83
C VAL B 217 -18.89 -19.17 23.92
N ARG B 218 -19.55 -19.33 22.77
CA ARG B 218 -20.86 -19.95 22.68
C ARG B 218 -20.84 -21.45 22.99
N ALA B 219 -19.77 -22.12 22.60
CA ALA B 219 -19.64 -23.55 22.81
C ALA B 219 -18.21 -23.99 22.58
N ALA B 220 -17.88 -25.13 23.14
CA ALA B 220 -16.63 -25.82 22.87
C ALA B 220 -17.01 -27.26 22.58
N LEU B 221 -16.91 -27.64 21.30
CA LEU B 221 -17.34 -28.97 20.87
C LEU B 221 -16.30 -30.03 21.21
N PRO B 222 -16.73 -31.11 21.90
CA PRO B 222 -15.78 -32.13 22.30
C PRO B 222 -15.03 -32.68 21.08
N ALA B 223 -13.73 -32.91 21.24
CA ALA B 223 -12.93 -33.54 20.20
C ALA B 223 -13.60 -34.85 19.80
N GLY B 224 -13.65 -35.09 18.50
CA GLY B 224 -14.21 -36.33 17.95
C GLY B 224 -15.70 -36.31 17.67
N ALA B 225 -16.34 -35.18 17.97
CA ALA B 225 -17.78 -35.02 17.74
C ALA B 225 -18.16 -35.32 16.27
N ALA B 226 -17.26 -35.01 15.33
CA ALA B 226 -17.51 -35.22 13.91
C ALA B 226 -17.87 -36.66 13.55
N SER B 227 -17.43 -37.60 14.37
CA SER B 227 -17.66 -39.03 14.15
C SER B 227 -18.94 -39.61 14.76
N LEU B 228 -19.70 -38.81 15.52
CA LEU B 228 -20.90 -39.31 16.19
C LEU B 228 -22.01 -39.71 15.23
N ASP B 229 -22.85 -40.67 15.64
CA ASP B 229 -24.08 -40.93 14.92
C ASP B 229 -25.04 -39.75 15.18
N ALA B 230 -26.06 -39.62 14.34
CA ALA B 230 -27.02 -38.51 14.43
C ALA B 230 -27.59 -38.29 15.83
N GLY B 231 -28.02 -39.37 16.51
CA GLY B 231 -28.61 -39.26 17.84
C GLY B 231 -27.63 -38.79 18.91
N ASP B 232 -26.44 -39.37 18.91
CA ASP B 232 -25.40 -38.91 19.83
C ASP B 232 -25.01 -37.46 19.51
N PHE B 233 -24.98 -37.13 18.22
CA PHE B 233 -24.62 -35.77 17.80
C PHE B 233 -25.61 -34.76 18.33
N ALA B 234 -26.90 -35.08 18.23
CA ALA B 234 -27.97 -34.18 18.69
C ALA B 234 -27.91 -33.96 20.20
N ALA B 235 -27.55 -35.00 20.94
CA ALA B 235 -27.41 -34.91 22.39
C ALA B 235 -26.22 -34.03 22.75
N MET B 236 -25.12 -34.21 22.01
CA MET B 236 -23.93 -33.40 22.25
C MET B 236 -24.26 -31.93 21.97
N SER B 237 -24.95 -31.68 20.84
CA SER B 237 -25.24 -30.32 20.38
C SER B 237 -26.15 -29.56 21.34
N ALA B 238 -27.18 -30.25 21.83
CA ALA B 238 -28.13 -29.68 22.78
C ALA B 238 -27.41 -29.27 24.06
N ALA B 239 -26.43 -30.07 24.47
CA ALA B 239 -25.64 -29.77 25.65
C ALA B 239 -24.59 -28.67 25.42
N ALA B 240 -24.11 -28.51 24.18
CA ALA B 240 -22.95 -27.66 23.90
C ALA B 240 -23.28 -26.18 23.91
N PHE B 241 -24.50 -25.84 23.51
CA PHE B 241 -24.91 -24.45 23.41
C PHE B 241 -25.87 -24.05 24.53
N ASP B 242 -25.86 -22.78 24.88
CA ASP B 242 -26.84 -22.25 25.84
C ASP B 242 -28.19 -22.11 25.11
N ARG B 243 -29.21 -22.81 25.60
CA ARG B 243 -30.51 -22.82 24.92
C ARG B 243 -31.19 -21.45 24.84
N ASN B 244 -31.01 -20.62 25.85
CA ASN B 244 -31.51 -19.25 25.79
C ASN B 244 -30.84 -18.44 24.69
N TRP B 245 -29.55 -18.63 24.50
CA TRP B 245 -28.85 -17.93 23.44
C TRP B 245 -29.41 -18.35 22.08
N VAL B 246 -29.42 -19.66 21.83
CA VAL B 246 -29.91 -20.20 20.56
C VAL B 246 -31.32 -19.73 20.20
N ALA B 247 -32.25 -19.87 21.14
CA ALA B 247 -33.63 -19.40 20.98
C ALA B 247 -33.69 -17.88 20.74
N GLY B 248 -32.83 -17.14 21.45
CA GLY B 248 -32.75 -15.70 21.24
C GLY B 248 -32.36 -15.26 19.84
N LEU B 249 -31.70 -16.14 19.09
CA LEU B 249 -31.22 -15.80 17.75
C LEU B 249 -32.37 -15.49 16.79
N VAL B 250 -33.53 -16.03 17.07
CA VAL B 250 -34.62 -16.01 16.10
C VAL B 250 -35.91 -15.30 16.58
N SER C 24 4.27 -13.95 -17.30
CA SER C 24 3.23 -13.74 -18.36
C SER C 24 3.83 -13.89 -19.76
N HIS C 25 3.00 -14.32 -20.71
CA HIS C 25 3.44 -14.41 -22.09
C HIS C 25 3.28 -13.07 -22.82
N MET C 26 2.30 -12.27 -22.41
CA MET C 26 2.13 -10.91 -22.90
C MET C 26 3.33 -10.01 -22.60
N THR C 27 3.57 -9.06 -23.49
CA THR C 27 4.29 -7.86 -23.12
C THR C 27 3.32 -6.83 -22.53
N ILE C 28 3.71 -6.21 -21.42
CA ILE C 28 2.87 -5.27 -20.70
C ILE C 28 3.54 -3.89 -20.55
N LEU C 29 2.84 -2.83 -20.96
CA LEU C 29 3.26 -1.45 -20.71
C LEU C 29 2.23 -0.76 -19.84
N VAL C 30 2.67 -0.13 -18.76
CA VAL C 30 1.83 0.85 -18.09
C VAL C 30 2.03 2.21 -18.74
N VAL C 31 0.92 2.95 -18.92
CA VAL C 31 0.97 4.28 -19.49
C VAL C 31 0.55 5.26 -18.39
N THR C 32 1.47 6.13 -18.03
CA THR C 32 1.30 7.03 -16.90
C THR C 32 1.54 8.46 -17.37
N GLY C 33 1.07 9.44 -16.61
CA GLY C 33 1.26 10.85 -16.96
C GLY C 33 1.97 11.57 -15.83
N THR C 34 2.67 12.66 -16.16
CA THR C 34 3.43 13.43 -15.16
C THR C 34 2.48 14.29 -14.31
N GLY C 35 1.28 14.50 -14.83
CA GLY C 35 0.26 15.24 -14.12
C GLY C 35 -1.07 14.99 -14.80
N THR C 36 -2.08 15.75 -14.38
CA THR C 36 -3.43 15.66 -14.93
C THR C 36 -3.49 16.31 -16.31
N GLY C 37 -4.21 15.67 -17.23
CA GLY C 37 -4.52 16.26 -18.52
C GLY C 37 -3.33 16.42 -19.45
N VAL C 38 -2.40 15.46 -19.39
CA VAL C 38 -1.24 15.47 -20.28
C VAL C 38 -1.59 14.76 -21.59
N GLY C 39 -2.71 14.07 -21.57
CA GLY C 39 -3.22 13.37 -22.74
C GLY C 39 -2.94 11.89 -22.75
N LYS C 40 -3.05 11.23 -21.58
CA LYS C 40 -2.81 9.80 -21.47
C LYS C 40 -3.67 8.96 -22.42
N THR C 41 -4.97 9.27 -22.50
CA THR C 41 -5.91 8.41 -23.20
C THR C 41 -5.65 8.40 -24.70
N VAL C 42 -5.40 9.59 -25.24
CA VAL C 42 -5.08 9.73 -26.66
C VAL C 42 -3.73 9.08 -27.01
N VAL C 43 -2.77 9.14 -26.08
CA VAL C 43 -1.51 8.42 -26.27
C VAL C 43 -1.75 6.89 -26.32
N CYS C 44 -2.49 6.36 -25.34
CA CYS C 44 -2.88 4.94 -25.34
C CYS C 44 -3.52 4.58 -26.68
N ALA C 45 -4.45 5.43 -27.12
CA ALA C 45 -5.14 5.20 -28.39
C ALA C 45 -4.15 5.20 -29.57
N ALA C 46 -3.31 6.23 -29.64
CA ALA C 46 -2.32 6.37 -30.71
C ALA C 46 -1.36 5.18 -30.76
N LEU C 47 -0.82 4.78 -29.62
CA LEU C 47 0.08 3.61 -29.61
C LEU C 47 -0.65 2.34 -30.04
N ALA C 48 -1.87 2.17 -29.55
CA ALA C 48 -2.69 1.00 -29.87
C ALA C 48 -2.91 0.93 -31.37
N SER C 49 -3.28 2.07 -31.96
CA SER C 49 -3.49 2.16 -33.40
C SER C 49 -2.21 1.86 -34.20
N ALA C 50 -1.08 2.42 -33.77
CA ALA C 50 0.19 2.16 -34.43
C ALA C 50 0.52 0.66 -34.39
N ALA C 51 0.29 0.04 -33.23
CA ALA C 51 0.60 -1.37 -33.02
C ALA C 51 -0.32 -2.29 -33.82
N ARG C 52 -1.59 -1.90 -33.92
CA ARG C 52 -2.56 -2.66 -34.69
C ARG C 52 -2.20 -2.64 -36.18
N GLN C 53 -1.63 -1.52 -36.63
CA GLN C 53 -1.17 -1.38 -38.01
C GLN C 53 0.13 -2.13 -38.29
N ALA C 54 0.86 -2.48 -37.23
CA ALA C 54 2.03 -3.33 -37.35
C ALA C 54 1.65 -4.81 -37.25
N GLY C 55 0.36 -5.09 -37.12
CA GLY C 55 -0.15 -6.46 -37.06
C GLY C 55 -0.09 -7.06 -35.65
N ILE C 56 -0.03 -6.19 -34.66
CA ILE C 56 0.13 -6.63 -33.27
C ILE C 56 -1.23 -6.73 -32.59
N ASP C 57 -1.45 -7.84 -31.88
CA ASP C 57 -2.61 -8.01 -31.00
C ASP C 57 -2.50 -7.08 -29.79
N VAL C 58 -3.36 -6.06 -29.75
CA VAL C 58 -3.34 -5.07 -28.66
C VAL C 58 -4.58 -5.14 -27.76
N ALA C 59 -4.36 -5.26 -26.46
CA ALA C 59 -5.45 -5.06 -25.50
C ALA C 59 -5.16 -3.79 -24.67
N VAL C 60 -6.22 -3.08 -24.29
CA VAL C 60 -6.06 -1.91 -23.42
C VAL C 60 -6.89 -2.09 -22.15
N CYS C 61 -6.24 -1.85 -21.01
CA CYS C 61 -6.80 -2.05 -19.69
C CYS C 61 -6.81 -0.72 -18.92
N LYS C 62 -7.93 -0.43 -18.25
CA LYS C 62 -8.09 0.75 -17.40
C LYS C 62 -8.68 0.26 -16.08
N PRO C 63 -7.81 -0.15 -15.13
CA PRO C 63 -8.28 -0.77 -13.89
C PRO C 63 -9.17 0.14 -13.05
N VAL C 64 -8.86 1.43 -13.05
CA VAL C 64 -9.60 2.39 -12.24
C VAL C 64 -9.98 3.60 -13.08
N GLN C 65 -11.28 3.82 -13.24
CA GLN C 65 -11.82 4.91 -14.04
C GLN C 65 -12.63 5.85 -13.14
N THR C 66 -12.27 7.13 -13.13
CA THR C 66 -13.02 8.15 -12.38
C THR C 66 -13.77 9.09 -13.32
N GLY C 67 -14.60 9.94 -12.75
CA GLY C 67 -15.27 11.00 -13.50
C GLY C 67 -16.31 10.58 -14.53
N THR C 68 -16.96 9.44 -14.33
CA THR C 68 -18.08 9.06 -15.20
C THR C 68 -19.20 10.11 -15.17
N ALA C 69 -19.34 10.81 -14.04
CA ALA C 69 -20.36 11.87 -13.90
C ALA C 69 -20.11 13.05 -14.83
N ARG C 70 -18.86 13.20 -15.25
CA ARG C 70 -18.47 14.23 -16.19
C ARG C 70 -18.54 13.69 -17.63
N GLY C 71 -18.69 12.37 -17.76
CA GLY C 71 -18.81 11.76 -19.08
C GLY C 71 -17.61 10.91 -19.45
N ASP C 72 -16.58 10.92 -18.60
CA ASP C 72 -15.32 10.20 -18.82
C ASP C 72 -15.52 8.71 -19.05
N ASP C 73 -14.85 8.18 -20.07
CA ASP C 73 -14.75 6.75 -20.31
C ASP C 73 -13.57 6.53 -21.26
N ASP C 74 -12.41 6.31 -20.67
CA ASP C 74 -11.16 6.22 -21.41
C ASP C 74 -11.11 5.00 -22.32
N LEU C 75 -11.56 3.86 -21.82
CA LEU C 75 -11.65 2.66 -22.63
C LEU C 75 -12.53 2.88 -23.87
N ALA C 76 -13.71 3.47 -23.67
CA ALA C 76 -14.61 3.81 -24.77
C ALA C 76 -13.95 4.73 -25.78
N GLU C 77 -13.24 5.75 -25.29
CA GLU C 77 -12.53 6.69 -26.17
C GLU C 77 -11.44 5.98 -27.00
N VAL C 78 -10.70 5.04 -26.37
CA VAL C 78 -9.69 4.27 -27.08
C VAL C 78 -10.32 3.39 -28.18
N GLY C 79 -11.46 2.78 -27.88
CA GLY C 79 -12.15 1.92 -28.85
C GLY C 79 -12.59 2.72 -30.07
N ARG C 80 -13.05 3.94 -29.83
CA ARG C 80 -13.51 4.84 -30.86
C ARG C 80 -12.36 5.38 -31.72
N LEU C 81 -11.28 5.79 -31.07
CA LEU C 81 -10.18 6.40 -31.79
C LEU C 81 -9.36 5.36 -32.55
N ALA C 82 -9.16 4.20 -31.92
CA ALA C 82 -8.17 3.23 -32.41
C ALA C 82 -8.79 1.95 -32.98
N GLY C 83 -10.08 1.74 -32.73
CA GLY C 83 -10.76 0.54 -33.20
C GLY C 83 -10.53 -0.66 -32.31
N VAL C 84 -9.79 -0.46 -31.22
CA VAL C 84 -9.49 -1.53 -30.27
C VAL C 84 -10.74 -2.12 -29.63
N THR C 85 -10.84 -3.44 -29.69
CA THR C 85 -12.04 -4.10 -29.25
C THR C 85 -11.79 -4.94 -27.99
N GLN C 86 -10.52 -5.24 -27.71
CA GLN C 86 -10.15 -5.89 -26.45
C GLN C 86 -9.89 -4.84 -25.36
N LEU C 87 -10.96 -4.47 -24.66
CA LEU C 87 -10.94 -3.41 -23.66
C LEU C 87 -11.30 -4.02 -22.32
N ALA C 88 -10.56 -3.69 -21.28
CA ALA C 88 -10.78 -4.35 -19.99
C ALA C 88 -10.80 -3.35 -18.85
N GLY C 89 -11.94 -3.26 -18.17
CA GLY C 89 -12.10 -2.32 -17.07
C GLY C 89 -12.33 -3.07 -15.78
N LEU C 90 -12.32 -2.35 -14.67
CA LEU C 90 -12.62 -2.97 -13.38
C LEU C 90 -13.47 -2.02 -12.56
N ALA C 91 -12.82 -1.02 -11.96
CA ALA C 91 -13.49 -0.12 -11.04
C ALA C 91 -13.91 1.16 -11.76
N ARG C 92 -15.12 1.64 -11.48
CA ARG C 92 -15.61 2.89 -12.08
C ARG C 92 -16.29 3.74 -11.02
N TYR C 93 -15.91 5.02 -10.95
CA TYR C 93 -16.46 5.96 -9.97
C TYR C 93 -16.95 7.23 -10.67
N PRO C 94 -18.06 7.79 -10.19
CA PRO C 94 -18.70 8.96 -10.79
C PRO C 94 -17.89 10.28 -10.73
N GLN C 95 -17.32 10.62 -9.58
CA GLN C 95 -16.72 11.96 -9.41
C GLN C 95 -15.33 12.07 -10.02
N PRO C 96 -15.04 13.20 -10.69
CA PRO C 96 -13.74 13.36 -11.33
C PRO C 96 -12.67 13.81 -10.32
N MET C 97 -12.34 12.91 -9.41
CA MET C 97 -11.33 13.19 -8.43
C MET C 97 -10.38 11.99 -8.33
N ALA C 98 -9.36 12.09 -7.48
CA ALA C 98 -8.46 10.96 -7.27
C ALA C 98 -9.26 9.72 -6.87
N PRO C 99 -8.84 8.54 -7.35
CA PRO C 99 -9.56 7.28 -7.13
C PRO C 99 -10.11 7.12 -5.70
N ALA C 100 -9.26 7.32 -4.69
CA ALA C 100 -9.67 7.16 -3.29
C ALA C 100 -10.79 8.10 -2.86
N ALA C 101 -10.68 9.37 -3.27
CA ALA C 101 -11.71 10.38 -2.99
C ALA C 101 -13.00 10.10 -3.77
N ALA C 102 -12.85 9.75 -5.04
CA ALA C 102 -13.97 9.38 -5.88
C ALA C 102 -14.73 8.16 -5.31
N ALA C 103 -13.98 7.16 -4.85
CA ALA C 103 -14.56 5.94 -4.30
C ALA C 103 -15.36 6.24 -3.03
N GLU C 104 -14.81 7.08 -2.16
CA GLU C 104 -15.42 7.47 -0.90
C GLU C 104 -16.70 8.26 -1.13
N HIS C 105 -16.63 9.16 -2.11
CA HIS C 105 -17.77 10.00 -2.43
C HIS C 105 -18.96 9.11 -2.84
N ALA C 106 -18.66 8.01 -3.54
CA ALA C 106 -19.70 7.10 -4.04
C ALA C 106 -20.14 6.02 -3.03
N GLY C 107 -19.52 6.02 -1.85
CA GLY C 107 -19.78 4.98 -0.85
C GLY C 107 -19.34 3.61 -1.36
N MET C 108 -18.21 3.60 -2.06
CA MET C 108 -17.64 2.37 -2.60
C MET C 108 -16.21 2.21 -2.06
N ALA C 109 -15.64 1.04 -2.29
CA ALA C 109 -14.24 0.78 -1.95
C ALA C 109 -13.40 0.83 -3.24
N LEU C 110 -12.09 1.01 -3.10
CA LEU C 110 -11.14 0.81 -4.21
C LEU C 110 -11.07 -0.69 -4.50
N PRO C 111 -10.60 -1.07 -5.70
CA PRO C 111 -10.40 -2.49 -5.97
C PRO C 111 -9.21 -3.03 -5.17
N ALA C 112 -9.21 -4.34 -4.91
CA ALA C 112 -8.10 -4.96 -4.22
C ALA C 112 -6.92 -5.03 -5.19
N ARG C 113 -5.72 -4.92 -4.65
CA ARG C 113 -4.50 -5.06 -5.46
C ARG C 113 -4.53 -6.33 -6.30
N ASP C 114 -4.91 -7.45 -5.68
CA ASP C 114 -4.88 -8.72 -6.42
C ASP C 114 -5.91 -8.81 -7.55
N GLN C 115 -6.95 -7.98 -7.48
CA GLN C 115 -7.95 -7.93 -8.54
C GLN C 115 -7.47 -7.11 -9.74
N ILE C 116 -6.69 -6.07 -9.50
CA ILE C 116 -6.05 -5.34 -10.59
C ILE C 116 -5.05 -6.23 -11.33
N VAL C 117 -4.22 -6.93 -10.58
CA VAL C 117 -3.20 -7.76 -11.19
C VAL C 117 -3.84 -8.92 -11.96
N ARG C 118 -4.89 -9.51 -11.40
CA ARG C 118 -5.61 -10.61 -12.05
C ARG C 118 -6.28 -10.13 -13.35
N LEU C 119 -6.88 -8.95 -13.30
CA LEU C 119 -7.50 -8.31 -14.46
C LEU C 119 -6.52 -8.20 -15.61
N ILE C 120 -5.30 -7.80 -15.27
CA ILE C 120 -4.22 -7.65 -16.23
C ILE C 120 -3.74 -9.02 -16.72
N ALA C 121 -3.51 -9.95 -15.80
CA ALA C 121 -2.98 -11.26 -16.16
C ALA C 121 -3.99 -12.13 -16.92
N ASP C 122 -5.28 -11.94 -16.63
CA ASP C 122 -6.34 -12.66 -17.33
C ASP C 122 -6.32 -12.37 -18.83
N LEU C 123 -5.81 -11.20 -19.17
CA LEU C 123 -5.61 -10.82 -20.56
C LEU C 123 -4.45 -11.59 -21.22
N ASP C 124 -3.76 -12.45 -20.46
CA ASP C 124 -2.48 -13.01 -20.93
C ASP C 124 -2.57 -13.82 -22.21
N ARG C 125 -1.74 -13.47 -23.18
CA ARG C 125 -1.76 -14.09 -24.50
C ARG C 125 -0.37 -14.08 -25.13
N PRO C 126 0.13 -15.24 -25.58
CA PRO C 126 1.35 -15.22 -26.38
C PRO C 126 1.29 -14.19 -27.52
N GLY C 127 2.27 -13.30 -27.56
CA GLY C 127 2.37 -12.30 -28.62
C GLY C 127 1.65 -10.98 -28.37
N ARG C 128 0.85 -10.92 -27.30
CA ARG C 128 0.04 -9.74 -27.04
C ARG C 128 0.82 -8.53 -26.50
N LEU C 129 0.36 -7.34 -26.86
CA LEU C 129 0.76 -6.07 -26.24
C LEU C 129 -0.43 -5.56 -25.42
N THR C 130 -0.26 -5.50 -24.11
CA THR C 130 -1.27 -4.94 -23.23
C THR C 130 -0.81 -3.58 -22.71
N LEU C 131 -1.68 -2.58 -22.85
CA LEU C 131 -1.43 -1.23 -22.33
C LEU C 131 -2.32 -1.03 -21.11
N VAL C 132 -1.72 -0.76 -19.96
CA VAL C 132 -2.47 -0.49 -18.74
C VAL C 132 -2.42 1.00 -18.48
N GLU C 133 -3.55 1.69 -18.65
CA GLU C 133 -3.61 3.12 -18.42
C GLU C 133 -3.88 3.45 -16.94
N GLY C 134 -3.06 4.35 -16.39
CA GLY C 134 -3.19 4.75 -14.99
C GLY C 134 -4.41 5.64 -14.76
N ALA C 135 -4.55 6.15 -13.54
CA ALA C 135 -5.64 7.04 -13.20
C ALA C 135 -5.16 8.39 -12.61
N GLY C 136 -4.18 9.02 -13.25
CA GLY C 136 -3.84 10.39 -12.90
C GLY C 136 -2.37 10.72 -12.63
N GLY C 137 -1.59 9.72 -12.23
CA GLY C 137 -0.19 9.96 -11.94
C GLY C 137 0.41 8.70 -11.36
N LEU C 138 1.74 8.57 -11.46
CA LEU C 138 2.39 7.32 -11.10
C LEU C 138 2.10 6.86 -9.66
N LEU C 139 2.04 7.80 -8.72
CA LEU C 139 1.88 7.47 -7.30
C LEU C 139 0.47 7.69 -6.71
N VAL C 140 -0.50 7.96 -7.57
CA VAL C 140 -1.93 8.02 -7.20
C VAL C 140 -2.32 6.65 -6.64
N GLU C 141 -2.96 6.63 -5.47
CA GLU C 141 -3.41 5.35 -4.91
C GLU C 141 -4.52 4.70 -5.77
N LEU C 142 -4.30 3.46 -6.19
CA LEU C 142 -5.27 2.71 -7.02
C LEU C 142 -5.98 1.60 -6.23
N ALA C 143 -5.31 1.10 -5.20
CA ALA C 143 -5.82 0.02 -4.34
C ALA C 143 -5.31 0.24 -2.93
N GLU C 144 -6.07 -0.20 -1.92
CA GLU C 144 -5.63 -0.07 -0.54
C GLU C 144 -4.54 -1.10 -0.21
N PRO C 145 -3.55 -0.71 0.62
CA PRO C 145 -3.25 0.62 1.14
C PRO C 145 -2.11 1.32 0.39
N GLY C 146 -2.43 2.35 -0.38
CA GLY C 146 -1.41 3.11 -1.10
C GLY C 146 -0.69 2.26 -2.14
N VAL C 147 -1.42 1.34 -2.75
CA VAL C 147 -0.93 0.58 -3.88
C VAL C 147 -1.03 1.47 -5.12
N THR C 148 0.06 1.64 -5.83
CA THR C 148 0.12 2.59 -6.95
C THR C 148 0.31 1.86 -8.26
N LEU C 149 0.21 2.59 -9.37
CA LEU C 149 0.54 2.03 -10.69
C LEU C 149 1.99 1.52 -10.74
N ARG C 150 2.91 2.19 -10.05
CA ARG C 150 4.29 1.69 -9.98
C ARG C 150 4.34 0.28 -9.33
N ASP C 151 3.57 0.07 -8.28
CA ASP C 151 3.52 -1.21 -7.59
C ASP C 151 2.99 -2.29 -8.53
N VAL C 152 1.94 -1.95 -9.28
CA VAL C 152 1.33 -2.88 -10.24
C VAL C 152 2.31 -3.24 -11.37
N ALA C 153 3.03 -2.23 -11.86
CA ALA C 153 4.09 -2.40 -12.86
C ALA C 153 5.14 -3.42 -12.43
N VAL C 154 5.55 -3.33 -11.16
CA VAL C 154 6.45 -4.33 -10.58
C VAL C 154 5.78 -5.70 -10.49
N ASP C 155 4.58 -5.76 -9.93
CA ASP C 155 3.80 -7.00 -9.83
C ASP C 155 3.69 -7.76 -11.15
N VAL C 156 3.65 -7.03 -12.27
CA VAL C 156 3.43 -7.67 -13.57
C VAL C 156 4.60 -7.54 -14.54
N ALA C 157 5.74 -7.07 -14.04
CA ALA C 157 6.94 -6.91 -14.87
C ALA C 157 6.71 -6.02 -16.10
N ALA C 158 5.91 -4.97 -15.93
CA ALA C 158 5.66 -3.99 -16.99
C ALA C 158 6.75 -2.91 -17.03
N ALA C 159 7.10 -2.45 -18.24
CA ALA C 159 7.81 -1.19 -18.42
C ALA C 159 6.79 -0.06 -18.36
N ALA C 160 7.28 1.18 -18.22
CA ALA C 160 6.42 2.36 -18.14
C ALA C 160 6.67 3.36 -19.25
N LEU C 161 5.59 3.71 -19.96
CA LEU C 161 5.58 4.80 -20.93
C LEU C 161 5.07 6.07 -20.28
N VAL C 162 5.82 7.16 -20.42
CA VAL C 162 5.49 8.39 -19.67
C VAL C 162 4.92 9.49 -20.55
N VAL C 163 3.71 9.94 -20.25
CA VAL C 163 3.09 10.97 -21.06
C VAL C 163 3.37 12.34 -20.44
N VAL C 164 3.85 13.28 -21.26
CA VAL C 164 4.29 14.58 -20.76
C VAL C 164 3.73 15.73 -21.61
N THR C 165 3.79 16.93 -21.05
CA THR C 165 3.60 18.17 -21.81
C THR C 165 4.95 18.73 -22.23
N ALA C 166 4.93 19.74 -23.09
CA ALA C 166 6.15 20.49 -23.39
C ALA C 166 6.07 21.86 -22.73
N ASP C 167 5.14 22.00 -21.77
CA ASP C 167 4.91 23.25 -21.09
C ASP C 167 5.91 23.48 -19.95
N LEU C 168 6.00 24.74 -19.54
CA LEU C 168 6.70 25.14 -18.33
C LEU C 168 6.41 24.19 -17.17
N GLY C 169 7.47 23.69 -16.53
CA GLY C 169 7.32 22.78 -15.39
C GLY C 169 7.41 21.29 -15.73
N THR C 170 7.55 20.97 -17.02
CA THR C 170 7.60 19.58 -17.45
C THR C 170 8.90 18.86 -17.10
N LEU C 171 10.03 19.57 -17.21
CA LEU C 171 11.32 18.98 -16.86
C LEU C 171 11.33 18.45 -15.42
N ASN C 172 10.91 19.28 -14.47
CA ASN C 172 10.78 18.84 -13.08
C ASN C 172 9.81 17.66 -12.91
N HIS C 173 8.61 17.76 -13.45
CA HIS C 173 7.66 16.66 -13.34
C HIS C 173 8.14 15.34 -13.96
N THR C 174 8.83 15.41 -15.10
CA THR C 174 9.28 14.16 -15.71
C THR C 174 10.52 13.58 -15.03
N LYS C 175 11.46 14.43 -14.61
CA LYS C 175 12.58 14.00 -13.80
C LYS C 175 12.09 13.34 -12.51
N LEU C 176 11.08 13.91 -11.87
CA LEU C 176 10.53 13.32 -10.65
C LEU C 176 9.96 11.93 -10.94
N THR C 177 9.28 11.81 -12.07
CA THR C 177 8.62 10.56 -12.48
C THR C 177 9.63 9.47 -12.83
N LEU C 178 10.62 9.85 -13.61
CA LEU C 178 11.72 8.95 -13.97
C LEU C 178 12.49 8.47 -12.74
N GLU C 179 12.68 9.34 -11.76
CA GLU C 179 13.37 8.94 -10.54
C GLU C 179 12.54 7.93 -9.74
N ALA C 180 11.25 8.17 -9.63
CA ALA C 180 10.33 7.27 -8.94
C ALA C 180 10.35 5.88 -9.61
N LEU C 181 10.34 5.87 -10.94
CA LEU C 181 10.39 4.62 -11.71
C LEU C 181 11.67 3.83 -11.44
N ALA C 182 12.82 4.46 -11.68
CA ALA C 182 14.14 3.87 -11.39
C ALA C 182 14.28 3.34 -9.97
N ALA C 183 13.65 4.02 -9.01
CA ALA C 183 13.76 3.66 -7.60
C ALA C 183 13.29 2.24 -7.33
N GLN C 184 12.38 1.76 -8.18
CA GLN C 184 11.80 0.43 -8.04
C GLN C 184 12.14 -0.41 -9.25
N GLN C 185 13.22 -0.06 -9.92
CA GLN C 185 13.64 -0.75 -11.13
C GLN C 185 12.49 -1.05 -12.10
N VAL C 186 11.58 -0.09 -12.28
CA VAL C 186 10.60 -0.16 -13.36
C VAL C 186 11.25 0.53 -14.55
N SER C 187 11.46 -0.23 -15.62
CA SER C 187 12.11 0.31 -16.79
C SER C 187 11.21 1.35 -17.48
N CYS C 188 11.82 2.43 -17.98
CA CYS C 188 11.05 3.46 -18.69
C CYS C 188 11.12 3.15 -20.18
N ALA C 189 9.95 3.02 -20.79
CA ALA C 189 9.83 2.71 -22.21
C ALA C 189 10.08 3.94 -23.08
N GLY C 190 10.04 5.11 -22.45
CA GLY C 190 10.20 6.38 -23.15
C GLY C 190 9.14 7.39 -22.77
N LEU C 191 9.18 8.55 -23.42
CA LEU C 191 8.21 9.60 -23.20
C LEU C 191 7.35 9.73 -24.44
N VAL C 192 6.13 10.20 -24.24
CA VAL C 192 5.34 10.70 -25.35
C VAL C 192 4.87 12.10 -24.94
N ILE C 193 5.08 13.07 -25.81
CA ILE C 193 4.44 14.37 -25.63
C ILE C 193 2.98 14.28 -26.09
N GLY C 194 2.04 14.47 -25.16
CA GLY C 194 0.63 14.21 -25.43
C GLY C 194 -0.04 15.20 -26.36
N SER C 195 0.44 16.44 -26.36
CA SER C 195 -0.03 17.48 -27.29
C SER C 195 1.16 18.33 -27.74
N TRP C 196 1.44 18.33 -29.03
CA TRP C 196 2.56 19.08 -29.55
C TRP C 196 2.04 20.22 -30.43
N PRO C 197 2.38 21.46 -30.07
CA PRO C 197 1.93 22.57 -30.88
C PRO C 197 2.79 22.75 -32.13
N ASP C 198 2.17 22.64 -33.30
CA ASP C 198 2.77 23.19 -34.51
C ASP C 198 2.57 24.69 -34.39
N PRO C 199 3.44 25.46 -35.06
CA PRO C 199 4.29 26.48 -34.52
C PRO C 199 4.51 26.35 -33.00
N PRO C 200 5.61 25.63 -32.62
CA PRO C 200 6.14 25.49 -31.26
C PRO C 200 6.84 26.77 -30.81
N GLY C 201 6.39 27.33 -29.69
CA GLY C 201 7.02 28.54 -29.14
C GLY C 201 8.40 28.29 -28.56
N LEU C 202 8.95 29.30 -27.88
CA LEU C 202 10.28 29.18 -27.31
C LEU C 202 10.38 28.11 -26.22
N VAL C 203 9.42 28.12 -25.30
CA VAL C 203 9.45 27.22 -24.17
C VAL C 203 9.27 25.76 -24.59
N ALA C 204 8.30 25.49 -25.47
CA ALA C 204 8.05 24.13 -25.94
C ALA C 204 9.23 23.57 -26.72
N ALA C 205 9.83 24.38 -27.58
CA ALA C 205 11.00 23.93 -28.35
C ALA C 205 12.19 23.62 -27.43
N SER C 206 12.45 24.52 -26.48
CA SER C 206 13.48 24.27 -25.45
C SER C 206 13.18 22.96 -24.69
N ASN C 207 11.98 22.87 -24.14
CA ASN C 207 11.55 21.69 -23.38
C ASN C 207 11.67 20.37 -24.15
N ARG C 208 11.25 20.36 -25.41
CA ARG C 208 11.40 19.16 -26.22
C ARG C 208 12.86 18.72 -26.36
N SER C 209 13.76 19.67 -26.63
CA SER C 209 15.18 19.36 -26.69
C SER C 209 15.69 18.81 -25.36
N ALA C 210 15.24 19.41 -24.27
CA ALA C 210 15.68 19.00 -22.92
C ALA C 210 15.10 17.64 -22.52
N LEU C 211 13.89 17.37 -22.98
CA LEU C 211 13.25 16.09 -22.75
C LEU C 211 14.04 14.98 -23.44
N ALA C 212 14.49 15.26 -24.66
CA ALA C 212 15.19 14.24 -25.44
C ALA C 212 16.56 13.91 -24.87
N ARG C 213 17.04 14.76 -23.96
CA ARG C 213 18.33 14.57 -23.32
C ARG C 213 18.22 13.67 -22.08
N ILE C 214 17.02 13.57 -21.52
CA ILE C 214 16.80 12.76 -20.34
C ILE C 214 16.12 11.40 -20.63
N ALA C 215 15.39 11.32 -21.75
CA ALA C 215 14.79 10.05 -22.17
C ALA C 215 14.52 10.03 -23.68
N MET C 216 14.16 8.85 -24.20
CA MET C 216 13.72 8.75 -25.58
C MET C 216 12.32 9.35 -25.72
N VAL C 217 12.17 10.32 -26.60
CA VAL C 217 10.85 10.81 -26.99
C VAL C 217 10.30 9.90 -28.07
N ARG C 218 9.38 9.01 -27.69
CA ARG C 218 8.84 8.04 -28.65
C ARG C 218 7.91 8.69 -29.69
N ALA C 219 7.15 9.68 -29.25
CA ALA C 219 6.28 10.44 -30.16
C ALA C 219 5.93 11.80 -29.56
N ALA C 220 5.56 12.74 -30.43
CA ALA C 220 4.91 13.98 -30.01
C ALA C 220 3.61 14.13 -30.81
N LEU C 221 2.48 13.91 -30.15
CA LEU C 221 1.20 13.86 -30.85
C LEU C 221 0.74 15.28 -31.22
N PRO C 222 0.41 15.50 -32.50
CA PRO C 222 -0.09 16.82 -32.91
C PRO C 222 -1.28 17.25 -32.06
N ALA C 223 -1.34 18.53 -31.71
CA ALA C 223 -2.49 19.09 -31.01
C ALA C 223 -3.76 18.84 -31.83
N GLY C 224 -4.88 18.58 -31.14
CA GLY C 224 -6.13 18.27 -31.82
C GLY C 224 -6.29 16.82 -32.23
N ALA C 225 -5.28 15.99 -31.96
CA ALA C 225 -5.32 14.58 -32.32
C ALA C 225 -6.56 13.86 -31.79
N ALA C 226 -7.02 14.26 -30.61
CA ALA C 226 -8.18 13.63 -29.97
C ALA C 226 -9.50 13.80 -30.73
N SER C 227 -9.55 14.78 -31.64
CA SER C 227 -10.76 14.99 -32.42
C SER C 227 -10.63 14.53 -33.87
N LEU C 228 -9.62 13.70 -34.16
CA LEU C 228 -9.54 13.08 -35.48
C LEU C 228 -10.46 11.85 -35.53
N ASP C 229 -10.91 11.48 -36.73
CA ASP C 229 -11.73 10.29 -36.91
C ASP C 229 -10.85 9.11 -37.32
N ALA C 230 -11.43 7.91 -37.27
CA ALA C 230 -10.72 6.64 -37.50
C ALA C 230 -9.55 6.69 -38.48
N GLY C 231 -9.82 7.04 -39.73
CA GLY C 231 -8.80 7.03 -40.78
C GLY C 231 -7.68 8.03 -40.56
N ASP C 232 -8.04 9.27 -40.22
CA ASP C 232 -7.04 10.30 -39.96
C ASP C 232 -6.29 10.05 -38.65
N PHE C 233 -6.97 9.49 -37.66
CA PHE C 233 -6.31 9.12 -36.41
C PHE C 233 -5.28 8.01 -36.64
N ALA C 234 -5.69 7.00 -37.42
CA ALA C 234 -4.81 5.87 -37.74
C ALA C 234 -3.56 6.32 -38.50
N ALA C 235 -3.72 7.26 -39.43
CA ALA C 235 -2.60 7.78 -40.21
C ALA C 235 -1.68 8.62 -39.34
N MET C 236 -2.29 9.39 -38.45
CA MET C 236 -1.55 10.21 -37.49
C MET C 236 -0.71 9.33 -36.59
N SER C 237 -1.34 8.29 -36.03
CA SER C 237 -0.66 7.35 -35.12
C SER C 237 0.50 6.63 -35.79
N ALA C 238 0.30 6.26 -37.06
CA ALA C 238 1.32 5.54 -37.81
C ALA C 238 2.55 6.41 -38.09
N ALA C 239 2.30 7.70 -38.28
CA ALA C 239 3.36 8.65 -38.57
C ALA C 239 4.07 9.09 -37.29
N ALA C 240 3.36 9.06 -36.17
CA ALA C 240 3.88 9.60 -34.92
C ALA C 240 4.89 8.71 -34.20
N PHE C 241 4.74 7.39 -34.34
CA PHE C 241 5.67 6.42 -33.73
C PHE C 241 6.56 5.74 -34.76
N ASP C 242 7.81 5.46 -34.39
CA ASP C 242 8.69 4.58 -35.17
C ASP C 242 8.11 3.16 -35.21
N ARG C 243 7.72 2.71 -36.40
CA ARG C 243 7.13 1.38 -36.56
C ARG C 243 7.99 0.24 -36.00
N ASN C 244 9.31 0.39 -36.10
CA ASN C 244 10.22 -0.62 -35.58
C ASN C 244 10.22 -0.66 -34.07
N TRP C 245 10.17 0.51 -33.43
CA TRP C 245 10.06 0.56 -31.98
C TRP C 245 8.75 -0.11 -31.52
N VAL C 246 7.64 0.30 -32.12
CA VAL C 246 6.33 -0.31 -31.85
C VAL C 246 6.34 -1.85 -32.03
N ALA C 247 6.78 -2.30 -33.20
CA ALA C 247 6.86 -3.72 -33.52
C ALA C 247 7.73 -4.49 -32.54
N GLY C 248 8.76 -3.82 -32.05
CA GLY C 248 9.71 -4.45 -31.16
C GLY C 248 9.27 -4.56 -29.72
N LEU C 249 8.14 -3.94 -29.37
CA LEU C 249 7.63 -4.09 -28.02
C LEU C 249 7.28 -5.56 -27.70
N VAL C 250 6.92 -6.33 -28.72
CA VAL C 250 6.63 -7.76 -28.51
C VAL C 250 7.85 -8.66 -28.84
N GLY C 251 8.50 -9.16 -27.78
CA GLY C 251 9.64 -10.11 -27.82
C GLY C 251 10.01 -10.84 -29.11
N THR D 27 16.87 26.73 11.16
CA THR D 27 18.09 27.47 10.69
C THR D 27 18.10 27.66 9.16
N ILE D 28 18.38 26.63 8.36
CA ILE D 28 18.13 26.76 6.90
C ILE D 28 16.98 25.92 6.35
N LEU D 29 16.04 26.59 5.69
CA LEU D 29 14.91 25.91 5.07
C LEU D 29 14.86 26.22 3.57
N VAL D 30 15.05 25.20 2.73
CA VAL D 30 14.76 25.40 1.30
C VAL D 30 13.24 25.37 1.08
N VAL D 31 12.75 26.28 0.26
CA VAL D 31 11.31 26.35 -0.02
C VAL D 31 11.09 25.98 -1.47
N THR D 32 10.47 24.83 -1.69
CA THR D 32 10.36 24.26 -3.02
C THR D 32 8.89 24.05 -3.39
N GLY D 33 8.65 23.97 -4.69
CA GLY D 33 7.30 23.85 -5.20
C GLY D 33 7.05 22.47 -5.79
N THR D 34 5.81 22.03 -5.67
CA THR D 34 5.40 20.77 -6.20
C THR D 34 5.23 20.96 -7.71
N GLY D 35 5.16 22.22 -8.12
CA GLY D 35 4.94 22.56 -9.52
C GLY D 35 5.08 24.06 -9.77
N THR D 36 4.83 24.45 -11.01
CA THR D 36 4.90 25.84 -11.41
C THR D 36 3.61 26.56 -10.99
N GLY D 37 3.73 27.79 -10.52
CA GLY D 37 2.56 28.62 -10.17
C GLY D 37 1.82 28.16 -8.92
N VAL D 38 2.59 27.70 -7.94
CA VAL D 38 2.07 27.06 -6.73
C VAL D 38 1.95 28.08 -5.55
N GLY D 39 2.55 29.25 -5.73
CA GLY D 39 2.49 30.34 -4.74
C GLY D 39 3.62 30.29 -3.74
N LYS D 40 4.81 29.95 -4.23
CA LYS D 40 5.98 29.75 -3.38
C LYS D 40 6.43 31.06 -2.68
N THR D 41 6.43 32.16 -3.44
CA THR D 41 6.90 33.43 -2.90
C THR D 41 6.03 33.95 -1.78
N VAL D 42 4.71 33.83 -1.95
CA VAL D 42 3.78 34.25 -0.92
C VAL D 42 3.99 33.42 0.34
N VAL D 43 4.31 32.14 0.15
CA VAL D 43 4.68 31.28 1.29
C VAL D 43 5.98 31.75 1.96
N CYS D 44 6.97 32.15 1.18
CA CYS D 44 8.21 32.65 1.77
C CYS D 44 7.90 33.89 2.60
N ALA D 45 7.17 34.81 1.98
CA ALA D 45 6.73 36.04 2.63
C ALA D 45 5.93 35.77 3.91
N ALA D 46 5.00 34.82 3.84
CA ALA D 46 4.08 34.52 4.96
C ALA D 46 4.81 33.90 6.15
N LEU D 47 5.68 32.95 5.88
CA LEU D 47 6.51 32.36 6.92
C LEU D 47 7.51 33.39 7.48
N ALA D 48 8.11 34.18 6.58
CA ALA D 48 9.02 35.24 7.02
C ALA D 48 8.32 36.15 8.02
N SER D 49 7.09 36.56 7.67
CA SER D 49 6.27 37.44 8.52
C SER D 49 5.88 36.80 9.85
N ALA D 50 5.44 35.55 9.82
CA ALA D 50 5.09 34.85 11.07
C ALA D 50 6.32 34.70 11.96
N ALA D 51 7.48 34.50 11.33
CA ALA D 51 8.73 34.33 12.07
C ALA D 51 9.20 35.65 12.69
N ARG D 52 9.10 36.74 11.93
CA ARG D 52 9.48 38.05 12.44
C ARG D 52 8.57 38.43 13.59
N GLN D 53 7.27 38.15 13.44
CA GLN D 53 6.30 38.47 14.49
C GLN D 53 6.50 37.64 15.75
N ALA D 54 7.26 36.55 15.65
CA ALA D 54 7.57 35.73 16.82
C ALA D 54 8.96 36.08 17.36
N GLY D 55 9.54 37.18 16.88
CA GLY D 55 10.84 37.64 17.35
C GLY D 55 12.04 36.91 16.75
N ILE D 56 11.89 36.39 15.54
CA ILE D 56 13.00 35.71 14.87
C ILE D 56 13.54 36.53 13.69
N ASP D 57 14.86 36.68 13.63
CA ASP D 57 15.52 37.29 12.49
C ASP D 57 15.45 36.37 11.25
N VAL D 58 15.03 36.93 10.11
CA VAL D 58 14.78 36.15 8.90
C VAL D 58 15.55 36.71 7.69
N ALA D 59 16.26 35.84 6.99
CA ALA D 59 16.79 36.15 5.65
C ALA D 59 16.13 35.30 4.56
N VAL D 60 15.99 35.87 3.38
CA VAL D 60 15.46 35.11 2.25
C VAL D 60 16.46 35.13 1.09
N CYS D 61 16.81 33.96 0.61
CA CYS D 61 17.74 33.86 -0.53
C CYS D 61 17.03 33.28 -1.77
N LYS D 62 17.01 34.04 -2.86
CA LYS D 62 16.55 33.51 -4.13
C LYS D 62 17.67 33.57 -5.15
N PRO D 63 18.50 32.52 -5.18
CA PRO D 63 19.73 32.49 -5.97
C PRO D 63 19.52 32.85 -7.44
N VAL D 64 18.47 32.29 -8.05
CA VAL D 64 18.18 32.53 -9.45
C VAL D 64 16.73 32.96 -9.66
N GLN D 65 16.58 34.12 -10.26
CA GLN D 65 15.29 34.67 -10.60
C GLN D 65 15.16 34.65 -12.13
N THR D 66 14.00 34.21 -12.63
CA THR D 66 13.70 34.35 -14.05
C THR D 66 12.44 35.19 -14.25
N GLY D 67 12.07 35.44 -15.50
CA GLY D 67 10.89 36.24 -15.82
C GLY D 67 10.98 37.71 -15.46
N THR D 68 12.19 38.25 -15.45
CA THR D 68 12.38 39.63 -15.01
C THR D 68 11.93 40.70 -16.02
N ALA D 69 11.96 40.37 -17.31
CA ALA D 69 11.52 41.30 -18.35
C ALA D 69 10.09 41.82 -18.08
N ARG D 70 9.24 40.94 -17.55
CA ARG D 70 7.86 41.29 -17.23
C ARG D 70 7.71 41.88 -15.81
N GLY D 71 8.78 41.84 -15.03
CA GLY D 71 8.78 42.49 -13.72
C GLY D 71 8.91 41.57 -12.52
N ASP D 72 9.04 40.26 -12.77
CA ASP D 72 9.22 39.30 -11.69
C ASP D 72 10.43 39.64 -10.83
N ASP D 73 10.17 39.89 -9.55
CA ASP D 73 11.21 40.07 -8.54
C ASP D 73 10.61 39.53 -7.25
N ASP D 74 10.86 38.25 -6.99
CA ASP D 74 10.25 37.56 -5.86
C ASP D 74 10.76 38.12 -4.54
N LEU D 75 12.06 38.44 -4.51
CA LEU D 75 12.71 39.04 -3.35
C LEU D 75 12.03 40.37 -2.97
N ALA D 76 11.78 41.21 -3.97
CA ALA D 76 11.11 42.49 -3.72
C ALA D 76 9.76 42.28 -3.04
N GLU D 77 9.02 41.26 -3.50
CA GLU D 77 7.71 40.93 -2.94
C GLU D 77 7.80 40.46 -1.49
N VAL D 78 8.82 39.67 -1.18
CA VAL D 78 9.05 39.25 0.19
C VAL D 78 9.37 40.49 1.05
N GLY D 79 10.26 41.35 0.56
CA GLY D 79 10.55 42.61 1.25
C GLY D 79 9.29 43.40 1.57
N ARG D 80 8.44 43.61 0.56
CA ARG D 80 7.22 44.42 0.71
C ARG D 80 6.17 43.79 1.64
N LEU D 81 5.90 42.50 1.44
CA LEU D 81 4.89 41.81 2.24
C LEU D 81 5.33 41.49 3.67
N ALA D 82 6.61 41.18 3.85
CA ALA D 82 7.09 40.69 5.14
C ALA D 82 8.04 41.64 5.87
N GLY D 83 8.54 42.66 5.17
CA GLY D 83 9.46 43.63 5.77
C GLY D 83 10.84 43.05 5.96
N VAL D 84 11.10 41.93 5.28
CA VAL D 84 12.41 41.33 5.30
C VAL D 84 13.39 42.23 4.56
N THR D 85 14.58 42.34 5.13
CA THR D 85 15.58 43.28 4.70
C THR D 85 16.78 42.52 4.09
N GLN D 86 17.10 41.37 4.67
CA GLN D 86 18.20 40.55 4.19
C GLN D 86 17.68 39.64 3.08
N LEU D 87 17.88 40.10 1.86
CA LEU D 87 17.25 39.57 0.66
C LEU D 87 18.37 39.40 -0.37
N ALA D 88 18.77 38.16 -0.60
CA ALA D 88 19.97 37.83 -1.39
C ALA D 88 19.70 37.03 -2.67
N GLY D 89 20.32 37.45 -3.77
CA GLY D 89 20.25 36.70 -5.02
C GLY D 89 21.54 36.83 -5.81
N LEU D 90 21.68 36.01 -6.85
CA LEU D 90 22.90 35.91 -7.65
C LEU D 90 22.70 36.19 -9.14
N ALA D 91 21.53 35.86 -9.67
CA ALA D 91 21.28 35.98 -11.10
C ALA D 91 19.80 36.23 -11.41
N ARG D 92 19.55 36.99 -12.48
CA ARG D 92 18.21 37.34 -12.94
C ARG D 92 18.20 37.20 -14.47
N TYR D 93 17.27 36.41 -14.99
CA TYR D 93 17.14 36.20 -16.44
C TYR D 93 15.79 36.75 -16.90
N PRO D 94 15.80 37.46 -18.04
CA PRO D 94 14.58 38.16 -18.48
C PRO D 94 13.47 37.23 -19.00
N GLN D 95 13.85 36.10 -19.60
CA GLN D 95 12.87 35.20 -20.18
C GLN D 95 12.15 34.39 -19.10
N PRO D 96 10.81 34.26 -19.24
CA PRO D 96 10.01 33.50 -18.28
C PRO D 96 10.08 32.00 -18.53
N MET D 97 11.27 31.42 -18.39
CA MET D 97 11.46 29.97 -18.52
C MET D 97 12.32 29.39 -17.40
N ALA D 98 12.51 28.08 -17.43
CA ALA D 98 13.37 27.42 -16.44
C ALA D 98 14.77 28.06 -16.48
N PRO D 99 15.40 28.22 -15.32
CA PRO D 99 16.75 28.80 -15.25
C PRO D 99 17.66 28.39 -16.41
N ALA D 100 17.91 27.08 -16.58
CA ALA D 100 18.86 26.62 -17.61
C ALA D 100 18.47 27.03 -19.04
N ALA D 101 17.18 27.11 -19.30
CA ALA D 101 16.67 27.53 -20.59
C ALA D 101 16.74 29.04 -20.74
N ALA D 102 16.38 29.76 -19.68
CA ALA D 102 16.51 31.20 -19.70
C ALA D 102 17.97 31.59 -19.90
N ALA D 103 18.87 30.85 -19.25
CA ALA D 103 20.31 31.10 -19.33
C ALA D 103 20.82 30.82 -20.74
N GLU D 104 20.37 29.71 -21.32
CA GLU D 104 20.73 29.37 -22.70
C GLU D 104 20.20 30.42 -23.69
N HIS D 105 18.94 30.83 -23.50
CA HIS D 105 18.36 31.88 -24.34
C HIS D 105 19.16 33.17 -24.20
N ALA D 106 19.56 33.48 -22.97
CA ALA D 106 20.34 34.68 -22.68
C ALA D 106 21.73 34.61 -23.30
N GLY D 107 22.25 33.39 -23.45
CA GLY D 107 23.61 33.19 -23.92
C GLY D 107 24.60 33.34 -22.78
N MET D 108 24.09 33.18 -21.56
CA MET D 108 24.89 33.36 -20.36
C MET D 108 24.68 32.19 -19.41
N ALA D 109 25.76 31.70 -18.81
CA ALA D 109 25.67 30.52 -17.96
C ALA D 109 24.92 30.80 -16.64
N LEU D 110 24.54 29.75 -15.94
CA LEU D 110 23.97 29.84 -14.60
C LEU D 110 25.10 30.06 -13.60
N PRO D 111 24.76 30.51 -12.38
CA PRO D 111 25.80 30.59 -11.35
C PRO D 111 26.42 29.22 -11.10
N ALA D 112 27.59 29.20 -10.47
CA ALA D 112 28.21 27.94 -10.06
C ALA D 112 27.64 27.45 -8.73
N ARG D 113 27.69 26.14 -8.50
CA ARG D 113 27.23 25.51 -7.26
C ARG D 113 27.85 26.13 -6.01
N ASP D 114 29.14 26.46 -6.10
CA ASP D 114 29.88 27.04 -4.99
C ASP D 114 29.36 28.43 -4.62
N GLN D 115 28.99 29.23 -5.61
CA GLN D 115 28.42 30.55 -5.36
C GLN D 115 27.14 30.46 -4.53
N ILE D 116 26.26 29.53 -4.89
CA ILE D 116 24.97 29.41 -4.22
C ILE D 116 25.13 28.90 -2.79
N VAL D 117 25.91 27.84 -2.60
CA VAL D 117 26.05 27.25 -1.26
C VAL D 117 26.78 28.21 -0.32
N ARG D 118 27.82 28.87 -0.83
CA ARG D 118 28.61 29.83 -0.06
C ARG D 118 27.79 31.07 0.30
N LEU D 119 26.92 31.51 -0.61
CA LEU D 119 26.03 32.65 -0.38
C LEU D 119 25.08 32.35 0.76
N ILE D 120 24.42 31.20 0.69
CA ILE D 120 23.48 30.75 1.71
C ILE D 120 24.15 30.56 3.06
N ALA D 121 25.34 29.96 3.09
CA ALA D 121 26.03 29.63 4.34
C ALA D 121 26.51 30.88 5.08
N ASP D 122 26.91 31.90 4.32
CA ASP D 122 27.29 33.19 4.87
C ASP D 122 26.06 33.95 5.41
N LEU D 123 24.86 33.63 4.93
CA LEU D 123 23.64 34.25 5.44
C LEU D 123 23.27 33.72 6.80
N ASP D 124 23.59 32.45 7.04
CA ASP D 124 23.17 31.77 8.25
C ASP D 124 23.82 32.42 9.47
N ARG D 125 22.98 32.84 10.43
CA ARG D 125 23.38 33.44 11.71
C ARG D 125 22.71 32.65 12.84
N PRO D 126 23.34 32.59 14.02
CA PRO D 126 22.65 32.02 15.19
C PRO D 126 21.36 32.79 15.51
N GLY D 127 20.28 32.06 15.78
CA GLY D 127 18.98 32.68 16.05
C GLY D 127 18.23 33.16 14.82
N ARG D 128 18.81 32.89 13.64
CA ARG D 128 18.23 33.33 12.37
C ARG D 128 17.66 32.18 11.54
N LEU D 129 16.47 32.42 11.01
CA LEU D 129 15.83 31.55 10.04
C LEU D 129 16.22 32.03 8.64
N THR D 130 16.88 31.17 7.87
CA THR D 130 17.22 31.51 6.48
C THR D 130 16.41 30.66 5.49
N LEU D 131 15.58 31.33 4.69
CA LEU D 131 14.78 30.63 3.68
C LEU D 131 15.45 30.73 2.33
N VAL D 132 15.46 29.62 1.60
CA VAL D 132 16.04 29.55 0.27
C VAL D 132 14.94 29.21 -0.73
N GLU D 133 14.54 30.20 -1.53
CA GLU D 133 13.51 29.94 -2.54
C GLU D 133 14.12 29.40 -3.83
N GLY D 134 13.68 28.22 -4.24
CA GLY D 134 14.12 27.66 -5.50
C GLY D 134 13.38 28.34 -6.65
N ALA D 135 13.61 27.85 -7.86
CA ALA D 135 12.93 28.37 -9.03
C ALA D 135 12.10 27.25 -9.69
N GLY D 136 10.81 27.22 -9.38
CA GLY D 136 9.91 26.13 -9.82
C GLY D 136 10.00 24.93 -8.90
N GLY D 137 10.09 23.74 -9.49
CA GLY D 137 10.16 22.48 -8.74
C GLY D 137 11.53 22.06 -8.22
N LEU D 138 11.58 20.95 -7.51
CA LEU D 138 12.77 20.52 -6.77
C LEU D 138 14.00 20.12 -7.61
N LEU D 139 13.76 19.58 -8.80
CA LEU D 139 14.82 19.04 -9.65
C LEU D 139 15.13 19.97 -10.84
N VAL D 140 14.54 21.17 -10.85
CA VAL D 140 14.90 22.23 -11.80
C VAL D 140 16.38 22.53 -11.61
N GLU D 141 17.16 22.52 -12.70
CA GLU D 141 18.59 22.83 -12.66
C GLU D 141 18.83 24.27 -12.22
N LEU D 142 19.57 24.44 -11.12
CA LEU D 142 19.84 25.77 -10.53
C LEU D 142 21.23 26.31 -10.81
N ALA D 143 22.22 25.44 -10.84
CA ALA D 143 23.59 25.87 -11.05
C ALA D 143 24.31 24.97 -12.03
N GLU D 144 25.43 25.47 -12.56
CA GLU D 144 26.32 24.70 -13.40
C GLU D 144 27.19 23.81 -12.51
N PRO D 145 27.35 22.52 -12.87
CA PRO D 145 26.68 21.76 -13.92
C PRO D 145 25.65 20.76 -13.40
N GLY D 146 24.37 21.01 -13.68
CA GLY D 146 23.30 20.07 -13.35
C GLY D 146 22.82 20.08 -11.90
N VAL D 147 23.25 21.05 -11.10
CA VAL D 147 22.91 21.04 -9.68
C VAL D 147 21.52 21.66 -9.40
N THR D 148 20.78 21.00 -8.50
CA THR D 148 19.38 21.33 -8.20
C THR D 148 19.29 21.85 -6.77
N LEU D 149 18.09 22.29 -6.38
CA LEU D 149 17.79 22.74 -5.00
C LEU D 149 18.01 21.62 -3.99
N ARG D 150 17.76 20.39 -4.41
CA ARG D 150 18.01 19.24 -3.58
C ARG D 150 19.52 19.08 -3.23
N ASP D 151 20.38 19.20 -4.24
CA ASP D 151 21.85 19.21 -4.03
C ASP D 151 22.28 20.30 -3.05
N VAL D 152 21.74 21.51 -3.19
CA VAL D 152 21.98 22.63 -2.29
C VAL D 152 21.53 22.31 -0.85
N ALA D 153 20.32 21.76 -0.71
CA ALA D 153 19.79 21.37 0.60
C ALA D 153 20.73 20.39 1.26
N VAL D 154 21.23 19.43 0.51
CA VAL D 154 22.20 18.46 1.02
C VAL D 154 23.46 19.20 1.48
N ASP D 155 23.98 20.07 0.64
CA ASP D 155 25.26 20.72 0.92
C ASP D 155 25.25 21.67 2.13
N VAL D 156 24.08 22.21 2.46
CA VAL D 156 23.99 23.12 3.60
C VAL D 156 23.22 22.52 4.77
N ALA D 157 22.84 21.25 4.63
CA ALA D 157 22.08 20.52 5.66
C ALA D 157 20.75 21.19 5.97
N ALA D 158 20.07 21.67 4.94
CA ALA D 158 18.78 22.32 5.08
C ALA D 158 17.67 21.27 5.09
N ALA D 159 16.56 21.59 5.75
CA ALA D 159 15.32 20.84 5.52
C ALA D 159 14.58 21.52 4.36
N ALA D 160 13.52 20.86 3.88
CA ALA D 160 12.71 21.41 2.79
C ALA D 160 11.25 21.54 3.18
N LEU D 161 10.70 22.74 2.98
CA LEU D 161 9.26 22.97 3.07
C LEU D 161 8.70 22.93 1.66
N VAL D 162 7.69 22.10 1.43
CA VAL D 162 7.17 22.02 0.06
C VAL D 162 5.80 22.70 -0.12
N VAL D 163 5.74 23.56 -1.13
CA VAL D 163 4.54 24.33 -1.39
C VAL D 163 3.70 23.56 -2.41
N VAL D 164 2.43 23.37 -2.08
CA VAL D 164 1.55 22.52 -2.89
C VAL D 164 0.27 23.27 -3.25
N THR D 165 -0.53 22.69 -4.16
CA THR D 165 -1.88 23.18 -4.46
C THR D 165 -2.87 22.24 -3.80
N ALA D 166 -4.14 22.65 -3.73
CA ALA D 166 -5.22 21.77 -3.28
C ALA D 166 -5.92 21.10 -4.47
N ASP D 167 -5.43 21.40 -5.67
CA ASP D 167 -6.07 20.95 -6.89
C ASP D 167 -5.77 19.49 -7.24
N LEU D 168 -6.59 18.96 -8.13
CA LEU D 168 -6.42 17.61 -8.64
C LEU D 168 -4.99 17.45 -9.18
N GLY D 169 -4.29 16.41 -8.74
CA GLY D 169 -2.92 16.20 -9.18
C GLY D 169 -1.91 16.38 -8.08
N THR D 170 -2.31 17.06 -7.01
CA THR D 170 -1.41 17.39 -5.91
C THR D 170 -0.90 16.20 -5.10
N LEU D 171 -1.72 15.16 -4.96
CA LEU D 171 -1.32 13.98 -4.19
C LEU D 171 -0.14 13.30 -4.88
N ASN D 172 -0.26 13.07 -6.19
CA ASN D 172 0.85 12.52 -6.95
C ASN D 172 2.11 13.40 -6.88
N HIS D 173 1.97 14.67 -7.24
CA HIS D 173 3.10 15.61 -7.22
C HIS D 173 3.77 15.72 -5.86
N THR D 174 2.97 15.76 -4.80
CA THR D 174 3.51 15.84 -3.45
C THR D 174 4.28 14.57 -3.12
N LYS D 175 3.67 13.41 -3.39
CA LYS D 175 4.30 12.15 -3.06
C LYS D 175 5.60 11.97 -3.83
N LEU D 176 5.59 12.35 -5.10
CA LEU D 176 6.79 12.31 -5.94
C LEU D 176 7.92 13.17 -5.36
N THR D 177 7.56 14.36 -4.91
CA THR D 177 8.52 15.35 -4.36
C THR D 177 9.09 14.87 -3.03
N LEU D 178 8.23 14.34 -2.16
CA LEU D 178 8.67 13.78 -0.87
C LEU D 178 9.58 12.56 -1.05
N GLU D 179 9.30 11.79 -2.08
CA GLU D 179 10.16 10.63 -2.37
C GLU D 179 11.54 11.08 -2.84
N ALA D 180 11.57 12.10 -3.68
CA ALA D 180 12.81 12.68 -4.18
C ALA D 180 13.64 13.28 -3.04
N LEU D 181 12.97 13.91 -2.08
CA LEU D 181 13.64 14.44 -0.88
C LEU D 181 14.25 13.31 -0.03
N ALA D 182 13.44 12.29 0.26
CA ALA D 182 13.89 11.15 1.07
C ALA D 182 15.02 10.37 0.36
N ALA D 183 15.05 10.43 -0.96
CA ALA D 183 16.10 9.77 -1.75
C ALA D 183 17.51 10.29 -1.46
N GLN D 184 17.61 11.57 -1.12
CA GLN D 184 18.90 12.15 -0.75
C GLN D 184 18.94 12.54 0.73
N GLN D 185 18.07 11.93 1.53
CA GLN D 185 17.98 12.17 2.98
C GLN D 185 17.79 13.64 3.36
N VAL D 186 17.12 14.39 2.51
CA VAL D 186 16.74 15.74 2.85
C VAL D 186 15.43 15.67 3.62
N SER D 187 15.47 16.13 4.87
CA SER D 187 14.32 16.11 5.76
C SER D 187 13.21 17.02 5.25
N CYS D 188 11.96 16.57 5.37
CA CYS D 188 10.83 17.40 4.99
C CYS D 188 10.32 18.18 6.21
N ALA D 189 10.23 19.50 6.09
CA ALA D 189 9.77 20.33 7.20
C ALA D 189 8.24 20.43 7.18
N GLY D 190 7.64 19.90 6.13
CA GLY D 190 6.19 19.86 5.99
C GLY D 190 5.68 20.49 4.71
N LEU D 191 4.37 20.67 4.65
CA LEU D 191 3.68 21.16 3.47
C LEU D 191 3.04 22.50 3.75
N VAL D 192 2.89 23.31 2.71
CA VAL D 192 2.06 24.52 2.81
C VAL D 192 1.19 24.64 1.56
N ILE D 193 -0.12 24.75 1.74
CA ILE D 193 -0.99 25.02 0.62
C ILE D 193 -0.87 26.51 0.26
N GLY D 194 -0.26 26.77 -0.90
CA GLY D 194 0.05 28.13 -1.33
C GLY D 194 -1.18 28.98 -1.59
N SER D 195 -2.27 28.34 -2.00
CA SER D 195 -3.53 29.05 -2.22
C SER D 195 -4.71 28.16 -1.84
N TRP D 196 -5.52 28.66 -0.90
CA TRP D 196 -6.63 27.91 -0.37
C TRP D 196 -7.93 28.63 -0.74
N PRO D 197 -8.74 28.01 -1.62
CA PRO D 197 -9.92 28.63 -2.22
C PRO D 197 -11.03 28.89 -1.21
N ASP D 198 -11.90 29.83 -1.55
CA ASP D 198 -13.02 30.18 -0.69
C ASP D 198 -14.27 30.42 -1.51
N PRO D 199 -15.31 29.59 -1.31
CA PRO D 199 -15.24 28.45 -0.41
C PRO D 199 -14.55 27.28 -1.11
N PRO D 200 -14.02 26.33 -0.32
CA PRO D 200 -13.31 25.17 -0.89
C PRO D 200 -14.26 24.19 -1.61
N GLY D 201 -13.88 23.78 -2.82
CA GLY D 201 -14.66 22.80 -3.59
C GLY D 201 -14.49 21.38 -3.08
N LEU D 202 -15.15 20.45 -3.75
CA LEU D 202 -15.13 19.03 -3.38
C LEU D 202 -13.72 18.45 -3.46
N VAL D 203 -13.06 18.69 -4.58
CA VAL D 203 -11.69 18.21 -4.78
C VAL D 203 -10.71 18.81 -3.79
N ALA D 204 -10.77 20.14 -3.59
CA ALA D 204 -9.86 20.82 -2.70
C ALA D 204 -9.98 20.38 -1.25
N ALA D 205 -11.22 20.20 -0.77
CA ALA D 205 -11.45 19.76 0.60
C ALA D 205 -10.91 18.34 0.90
N SER D 206 -11.10 17.42 -0.03
CA SER D 206 -10.63 16.04 0.18
C SER D 206 -9.10 15.94 0.08
N ASN D 207 -8.53 16.70 -0.86
CA ASN D 207 -7.06 16.84 -0.98
C ASN D 207 -6.39 17.39 0.28
N ARG D 208 -7.07 18.33 0.93
CA ARG D 208 -6.56 18.91 2.15
C ARG D 208 -6.45 17.85 3.24
N SER D 209 -7.42 16.94 3.28
CA SER D 209 -7.42 15.82 4.23
C SER D 209 -6.37 14.78 3.88
N ALA D 210 -6.29 14.46 2.59
CA ALA D 210 -5.35 13.46 2.08
C ALA D 210 -3.91 13.90 2.27
N LEU D 211 -3.66 15.20 2.07
CA LEU D 211 -2.32 15.78 2.27
C LEU D 211 -1.86 15.62 3.72
N ALA D 212 -2.77 15.91 4.66
CA ALA D 212 -2.48 15.80 6.09
C ALA D 212 -2.14 14.38 6.53
N ARG D 213 -2.55 13.38 5.75
CA ARG D 213 -2.18 12.00 6.00
C ARG D 213 -0.83 11.61 5.40
N ILE D 214 -0.30 12.43 4.50
CA ILE D 214 1.03 12.13 3.96
C ILE D 214 2.15 12.96 4.60
N ALA D 215 1.81 14.14 5.09
CA ALA D 215 2.80 15.00 5.71
C ALA D 215 2.13 16.04 6.59
N MET D 216 2.92 16.70 7.43
CA MET D 216 2.39 17.76 8.28
C MET D 216 2.08 18.96 7.40
N VAL D 217 0.83 19.41 7.44
CA VAL D 217 0.41 20.60 6.71
C VAL D 217 0.64 21.81 7.62
N ARG D 218 1.57 22.67 7.23
CA ARG D 218 2.00 23.78 8.07
C ARG D 218 1.07 24.97 8.03
N ALA D 219 0.45 25.21 6.87
CA ALA D 219 -0.43 26.35 6.67
C ALA D 219 -1.23 26.18 5.38
N ALA D 220 -2.38 26.84 5.31
CA ALA D 220 -3.08 27.00 4.05
C ALA D 220 -3.39 28.47 3.84
N LEU D 221 -2.59 29.14 3.02
CA LEU D 221 -2.77 30.58 2.83
C LEU D 221 -4.06 30.87 2.07
N PRO D 222 -4.86 31.83 2.57
CA PRO D 222 -6.05 32.36 1.92
C PRO D 222 -5.77 32.77 0.48
N ALA D 223 -6.69 32.45 -0.44
CA ALA D 223 -6.48 32.63 -1.88
C ALA D 223 -5.85 33.97 -2.29
N GLY D 224 -6.42 35.08 -1.85
CA GLY D 224 -5.95 36.39 -2.31
C GLY D 224 -4.79 37.00 -1.55
N ALA D 225 -4.22 36.25 -0.61
CA ALA D 225 -3.20 36.75 0.32
C ALA D 225 -2.07 37.58 -0.31
N ALA D 226 -1.73 37.28 -1.55
CA ALA D 226 -0.65 37.95 -2.27
C ALA D 226 -0.83 39.48 -2.34
N SER D 227 -2.09 39.91 -2.49
CA SER D 227 -2.39 41.34 -2.64
C SER D 227 -2.95 41.97 -1.35
N LEU D 228 -2.61 41.40 -0.20
CA LEU D 228 -3.00 41.97 1.08
C LEU D 228 -2.06 43.11 1.47
N ASP D 229 -2.50 43.96 2.39
CA ASP D 229 -1.69 45.03 2.94
C ASP D 229 -0.58 44.46 3.80
N ALA D 230 0.55 45.16 3.88
CA ALA D 230 1.63 44.77 4.78
C ALA D 230 1.05 44.49 6.18
N GLY D 231 0.09 45.30 6.59
CA GLY D 231 -0.61 45.12 7.86
C GLY D 231 -1.51 43.89 7.85
N ASP D 232 -2.35 43.78 6.82
CA ASP D 232 -3.24 42.63 6.67
C ASP D 232 -2.46 41.34 6.46
N PHE D 233 -1.44 41.42 5.62
CA PHE D 233 -0.60 40.26 5.32
C PHE D 233 0.01 39.69 6.60
N ALA D 234 0.45 40.59 7.48
CA ALA D 234 1.08 40.19 8.73
C ALA D 234 0.09 39.51 9.68
N ALA D 235 -1.16 39.94 9.65
CA ALA D 235 -2.21 39.31 10.47
C ALA D 235 -2.55 37.93 9.90
N MET D 236 -2.63 37.87 8.58
CA MET D 236 -2.90 36.61 7.87
C MET D 236 -1.78 35.60 8.13
N SER D 237 -0.53 36.07 8.10
CA SER D 237 0.64 35.22 8.34
C SER D 237 0.67 34.67 9.76
N ALA D 238 0.43 35.56 10.73
CA ALA D 238 0.43 35.20 12.14
C ALA D 238 -0.58 34.10 12.47
N ALA D 239 -1.73 34.10 11.78
CA ALA D 239 -2.77 33.10 12.04
C ALA D 239 -2.59 31.85 11.19
N ALA D 240 -1.80 31.97 10.12
CA ALA D 240 -1.61 30.87 9.17
C ALA D 240 -0.78 29.71 9.75
N PHE D 241 0.32 30.03 10.40
CA PHE D 241 1.20 29.02 10.97
C PHE D 241 0.98 28.86 12.47
N ASP D 242 1.33 27.69 13.01
CA ASP D 242 1.39 27.47 14.44
C ASP D 242 2.63 28.18 14.95
N ARG D 243 2.48 29.10 15.91
CA ARG D 243 3.61 29.88 16.39
C ARG D 243 4.61 29.01 17.17
N ASN D 244 4.13 27.88 17.67
CA ASN D 244 4.99 26.93 18.35
C ASN D 244 5.94 26.20 17.39
N TRP D 245 5.43 25.88 16.20
CA TRP D 245 6.25 25.24 15.18
C TRP D 245 7.34 26.20 14.67
N VAL D 246 6.93 27.39 14.23
CA VAL D 246 7.89 28.37 13.71
C VAL D 246 8.87 28.92 14.77
N ALA D 247 8.43 28.97 16.02
CA ALA D 247 9.34 29.34 17.12
C ALA D 247 10.40 28.26 17.30
N GLY D 248 10.03 27.01 17.06
CA GLY D 248 10.91 25.87 17.23
C GLY D 248 11.78 25.54 16.03
N LEU D 249 11.71 26.36 14.99
CA LEU D 249 12.59 26.20 13.84
C LEU D 249 14.03 26.60 14.18
N VAL D 250 14.18 27.64 14.98
CA VAL D 250 15.51 28.11 15.39
C VAL D 250 15.71 27.89 16.89
#